data_1TZ5
#
_entry.id   1TZ5
#
_entity_poly.entity_id   1
_entity_poly.type   'polypeptide(L)'
_entity_poly.pdbx_seq_one_letter_code
;APLEPVYPGDNATPEQMARYYSALRRYINMLTRPRY(NH2)
;
_entity_poly.pdbx_strand_id   A
#
loop_
_chem_comp.id
_chem_comp.type
_chem_comp.name
_chem_comp.formula
NH2 non-polymer 'AMINO GROUP' 'H2 N'
#
# COMPACT_ATOMS: atom_id res chain seq x y z
N ALA A 1 9.06 -2.79 14.60
CA ALA A 1 9.51 -4.14 14.92
C ALA A 1 9.33 -4.45 16.43
N PRO A 2 8.08 -4.51 16.94
CA PRO A 2 7.81 -4.66 18.37
C PRO A 2 8.15 -6.08 18.86
N LEU A 3 7.52 -7.09 18.25
CA LEU A 3 7.75 -8.51 18.45
C LEU A 3 7.05 -9.33 17.37
N GLU A 4 7.75 -9.65 16.28
CA GLU A 4 7.21 -10.49 15.20
C GLU A 4 8.15 -11.68 14.96
N PRO A 5 8.11 -12.71 15.84
CA PRO A 5 8.91 -13.92 15.68
C PRO A 5 8.31 -14.79 14.58
N VAL A 6 9.17 -15.59 13.93
CA VAL A 6 8.86 -16.42 12.74
C VAL A 6 8.49 -15.53 11.54
N TYR A 7 8.73 -16.01 10.31
CA TYR A 7 8.33 -15.33 9.07
C TYR A 7 8.95 -13.93 8.93
N PRO A 8 10.23 -13.82 8.52
CA PRO A 8 10.92 -12.53 8.44
C PRO A 8 10.36 -11.63 7.32
N GLY A 9 10.82 -10.37 7.29
CA GLY A 9 10.35 -9.33 6.38
C GLY A 9 11.51 -8.68 5.62
N ASP A 10 12.18 -9.46 4.78
CA ASP A 10 13.26 -9.03 3.90
C ASP A 10 12.91 -9.36 2.45
N ASN A 11 13.52 -8.64 1.49
CA ASN A 11 13.32 -8.78 0.04
C ASN A 11 11.89 -8.35 -0.38
N ALA A 12 11.78 -7.15 -0.91
CA ALA A 12 10.55 -6.65 -1.54
C ALA A 12 10.27 -7.33 -2.90
N THR A 13 9.14 -6.99 -3.52
CA THR A 13 8.65 -7.60 -4.76
C THR A 13 7.82 -6.61 -5.56
N PRO A 14 7.90 -6.62 -6.91
CA PRO A 14 7.14 -5.71 -7.77
C PRO A 14 5.62 -5.95 -7.65
N GLU A 15 5.21 -7.22 -7.46
CA GLU A 15 3.82 -7.63 -7.33
C GLU A 15 3.17 -7.12 -6.04
N GLN A 16 3.99 -6.73 -5.05
CA GLN A 16 3.54 -6.13 -3.80
C GLN A 16 3.72 -4.61 -3.82
N MET A 17 4.73 -4.10 -4.55
CA MET A 17 4.97 -2.67 -4.73
C MET A 17 3.85 -2.04 -5.55
N ALA A 18 3.44 -2.68 -6.65
CA ALA A 18 2.31 -2.19 -7.43
C ALA A 18 1.00 -2.22 -6.65
N ARG A 19 0.89 -3.16 -5.69
CA ARG A 19 -0.27 -3.31 -4.82
C ARG A 19 -0.30 -2.27 -3.71
N TYR A 20 0.82 -2.01 -3.03
CA TYR A 20 0.99 -0.99 -2.00
C TYR A 20 0.49 0.38 -2.51
N TYR A 21 0.95 0.80 -3.70
CA TYR A 21 0.52 2.03 -4.33
C TYR A 21 -0.96 2.01 -4.78
N SER A 22 -1.41 0.90 -5.37
CA SER A 22 -2.80 0.72 -5.80
C SER A 22 -3.77 0.79 -4.62
N ALA A 23 -3.40 0.15 -3.50
CA ALA A 23 -4.12 0.25 -2.24
C ALA A 23 -4.17 1.69 -1.73
N LEU A 24 -3.06 2.44 -1.77
CA LEU A 24 -3.04 3.86 -1.41
C LEU A 24 -4.08 4.66 -2.23
N ARG A 25 -4.15 4.46 -3.55
CA ARG A 25 -5.15 5.11 -4.42
C ARG A 25 -6.57 4.83 -3.93
N ARG A 26 -6.92 3.53 -3.79
CA ARG A 26 -8.26 3.11 -3.36
C ARG A 26 -8.57 3.58 -1.93
N TYR A 27 -7.58 3.51 -1.05
CA TYR A 27 -7.64 3.96 0.34
C TYR A 27 -7.97 5.45 0.44
N ILE A 28 -7.23 6.30 -0.29
CA ILE A 28 -7.56 7.73 -0.40
C ILE A 28 -9.00 7.92 -0.88
N ASN A 29 -9.41 7.22 -1.95
CA ASN A 29 -10.78 7.30 -2.46
C ASN A 29 -11.82 6.92 -1.39
N MET A 30 -11.58 5.81 -0.66
CA MET A 30 -12.41 5.36 0.47
C MET A 30 -12.45 6.39 1.60
N LEU A 31 -11.32 6.99 1.97
CA LEU A 31 -11.22 8.06 2.95
C LEU A 31 -11.95 9.34 2.53
N THR A 32 -12.16 9.53 1.23
CA THR A 32 -12.94 10.62 0.62
C THR A 32 -14.30 10.10 0.13
N ARG A 33 -14.88 9.10 0.83
CA ARG A 33 -16.22 8.59 0.56
C ARG A 33 -17.30 9.69 0.62
N PRO A 34 -18.49 9.45 0.01
CA PRO A 34 -19.60 10.39 0.03
C PRO A 34 -20.22 10.47 1.42
N ARG A 35 -19.82 11.50 2.20
CA ARG A 35 -20.31 11.75 3.56
C ARG A 35 -20.57 13.24 3.81
N TYR A 36 -21.48 13.81 3.01
CA TYR A 36 -21.87 15.23 3.11
C TYR A 36 -22.73 15.47 4.37
N NH2 A 37 -22.52 16.56 5.07
HN1 NH2 A 37 -21.78 17.22 4.86
HN2 NH2 A 37 -23.07 16.63 5.91
N ALA A 1 2.76 -26.45 -10.96
CA ALA A 1 2.47 -25.12 -11.52
C ALA A 1 2.24 -24.08 -10.41
N PRO A 2 1.23 -24.24 -9.53
CA PRO A 2 0.97 -23.27 -8.46
C PRO A 2 1.98 -23.36 -7.31
N LEU A 3 2.45 -24.59 -6.99
CA LEU A 3 3.48 -24.83 -6.00
C LEU A 3 4.78 -24.13 -6.42
N GLU A 4 5.17 -23.11 -5.65
CA GLU A 4 6.40 -22.34 -5.86
C GLU A 4 7.41 -22.59 -4.72
N PRO A 5 8.73 -22.46 -4.99
CA PRO A 5 9.81 -22.65 -4.03
C PRO A 5 9.92 -21.47 -3.03
N VAL A 6 8.81 -21.14 -2.34
CA VAL A 6 8.62 -19.99 -1.44
C VAL A 6 8.74 -18.66 -2.21
N TYR A 7 8.14 -17.59 -1.67
CA TYR A 7 8.18 -16.27 -2.29
C TYR A 7 8.59 -15.20 -1.25
N PRO A 8 9.90 -15.00 -1.02
CA PRO A 8 10.39 -13.98 -0.09
C PRO A 8 10.22 -12.54 -0.62
N GLY A 9 9.81 -12.40 -1.89
CA GLY A 9 9.53 -11.14 -2.57
C GLY A 9 10.63 -10.77 -3.56
N ASP A 10 11.91 -10.95 -3.20
CA ASP A 10 13.06 -10.58 -4.03
C ASP A 10 13.17 -9.06 -4.24
N ASN A 11 13.85 -8.37 -3.31
CA ASN A 11 14.03 -6.91 -3.31
C ASN A 11 12.73 -6.11 -3.55
N ALA A 12 11.71 -6.38 -2.72
CA ALA A 12 10.35 -5.84 -2.83
C ALA A 12 9.69 -6.27 -4.15
N THR A 13 8.98 -7.41 -4.15
CA THR A 13 8.35 -7.97 -5.38
C THR A 13 7.54 -6.93 -6.12
N PRO A 14 7.64 -6.89 -7.47
CA PRO A 14 6.88 -5.95 -8.28
C PRO A 14 5.38 -6.19 -8.19
N GLU A 15 4.94 -7.36 -7.68
CA GLU A 15 3.52 -7.70 -7.48
C GLU A 15 2.96 -7.22 -6.13
N GLN A 16 3.82 -6.80 -5.19
CA GLN A 16 3.44 -6.23 -3.90
C GLN A 16 3.59 -4.71 -3.91
N MET A 17 4.61 -4.19 -4.61
CA MET A 17 4.86 -2.76 -4.75
C MET A 17 3.76 -2.08 -5.57
N ALA A 18 3.33 -2.70 -6.68
CA ALA A 18 2.21 -2.18 -7.45
C ALA A 18 0.89 -2.20 -6.65
N ARG A 19 0.83 -3.08 -5.64
CA ARG A 19 -0.32 -3.22 -4.75
C ARG A 19 -0.32 -2.16 -3.66
N TYR A 20 0.82 -1.93 -2.99
CA TYR A 20 1.00 -0.89 -1.99
C TYR A 20 0.51 0.48 -2.51
N TYR A 21 0.94 0.84 -3.72
CA TYR A 21 0.52 2.07 -4.39
C TYR A 21 -0.97 2.03 -4.77
N SER A 22 -1.44 0.94 -5.38
CA SER A 22 -2.85 0.80 -5.80
C SER A 22 -3.81 0.84 -4.60
N ALA A 23 -3.40 0.23 -3.48
CA ALA A 23 -4.10 0.28 -2.21
C ALA A 23 -4.13 1.70 -1.67
N LEU A 24 -3.03 2.47 -1.75
CA LEU A 24 -3.00 3.88 -1.39
C LEU A 24 -4.05 4.65 -2.20
N ARG A 25 -4.11 4.47 -3.52
CA ARG A 25 -5.11 5.13 -4.37
C ARG A 25 -6.54 4.80 -3.91
N ARG A 26 -6.85 3.51 -3.76
CA ARG A 26 -8.17 3.04 -3.33
C ARG A 26 -8.51 3.51 -1.91
N TYR A 27 -7.54 3.46 -1.00
CA TYR A 27 -7.64 3.91 0.39
C TYR A 27 -7.97 5.39 0.48
N ILE A 28 -7.23 6.25 -0.23
CA ILE A 28 -7.54 7.68 -0.35
C ILE A 28 -8.98 7.86 -0.87
N ASN A 29 -9.33 7.18 -1.97
CA ASN A 29 -10.69 7.26 -2.52
C ASN A 29 -11.75 6.86 -1.50
N MET A 30 -11.49 5.80 -0.71
CA MET A 30 -12.33 5.31 0.38
C MET A 30 -12.37 6.25 1.60
N LEU A 31 -11.31 7.02 1.86
CA LEU A 31 -11.28 8.08 2.86
C LEU A 31 -12.06 9.32 2.41
N THR A 32 -12.22 9.52 1.09
CA THR A 32 -13.01 10.60 0.49
C THR A 32 -14.43 10.18 0.10
N ARG A 33 -14.76 8.89 0.20
CA ARG A 33 -16.11 8.32 0.05
C ARG A 33 -17.11 8.92 1.07
N PRO A 34 -16.84 8.88 2.40
CA PRO A 34 -17.76 9.41 3.39
C PRO A 34 -17.72 10.94 3.42
N ARG A 35 -18.41 11.58 2.45
CA ARG A 35 -18.48 13.04 2.27
C ARG A 35 -19.58 13.40 1.28
N TYR A 36 -20.78 13.59 1.80
CA TYR A 36 -21.99 14.00 1.06
C TYR A 36 -22.63 15.27 1.66
N NH2 A 37 -22.98 15.27 2.94
HN1 NH2 A 37 -22.93 14.46 3.52
HN2 NH2 A 37 -23.41 16.12 3.26
N ALA A 1 13.93 -25.98 16.17
CA ALA A 1 14.58 -24.93 17.00
C ALA A 1 15.11 -23.77 16.16
N PRO A 2 16.04 -23.98 15.19
CA PRO A 2 16.43 -22.94 14.26
C PRO A 2 15.28 -22.74 13.26
N LEU A 3 14.20 -22.09 13.72
CA LEU A 3 13.12 -21.63 12.85
C LEU A 3 13.71 -20.85 11.68
N GLU A 4 13.00 -20.90 10.55
CA GLU A 4 13.43 -20.26 9.31
C GLU A 4 13.93 -18.81 9.54
N PRO A 5 14.84 -18.29 8.71
CA PRO A 5 15.34 -16.93 8.88
C PRO A 5 14.29 -15.86 8.57
N VAL A 6 13.05 -16.26 8.23
CA VAL A 6 11.90 -15.43 7.83
C VAL A 6 12.22 -14.59 6.58
N TYR A 7 13.34 -14.91 5.92
CA TYR A 7 13.98 -14.16 4.85
C TYR A 7 14.73 -15.14 3.94
N PRO A 8 14.06 -15.71 2.91
CA PRO A 8 14.72 -16.57 1.93
C PRO A 8 15.69 -15.81 1.00
N GLY A 9 15.70 -14.47 1.08
CA GLY A 9 16.54 -13.57 0.29
C GLY A 9 15.69 -12.44 -0.30
N ASP A 10 15.97 -11.20 0.13
CA ASP A 10 15.19 -9.99 -0.19
C ASP A 10 13.73 -10.06 0.33
N ASN A 11 12.97 -8.97 0.15
CA ASN A 11 11.54 -8.92 0.41
C ASN A 11 10.91 -7.81 -0.43
N ALA A 12 10.86 -8.02 -1.75
CA ALA A 12 10.23 -7.10 -2.69
C ALA A 12 9.79 -7.85 -3.95
N THR A 13 8.93 -7.22 -4.74
CA THR A 13 8.37 -7.82 -5.97
C THR A 13 7.56 -6.77 -6.74
N PRO A 14 7.63 -6.77 -8.09
CA PRO A 14 6.82 -5.87 -8.92
C PRO A 14 5.32 -6.14 -8.77
N GLU A 15 4.93 -7.23 -8.12
CA GLU A 15 3.54 -7.59 -7.85
C GLU A 15 3.06 -7.19 -6.46
N GLN A 16 3.93 -6.74 -5.55
CA GLN A 16 3.55 -6.21 -4.23
C GLN A 16 3.68 -4.68 -4.20
N MET A 17 4.65 -4.13 -4.95
CA MET A 17 4.88 -2.70 -5.07
C MET A 17 3.72 -2.00 -5.77
N ALA A 18 3.22 -2.59 -6.87
CA ALA A 18 2.04 -2.07 -7.55
C ALA A 18 0.79 -2.14 -6.68
N ARG A 19 0.75 -3.08 -5.73
CA ARG A 19 -0.34 -3.24 -4.76
C ARG A 19 -0.28 -2.22 -3.64
N TYR A 20 0.89 -2.03 -3.00
CA TYR A 20 1.11 -1.05 -1.97
C TYR A 20 0.60 0.34 -2.38
N TYR A 21 0.94 0.75 -3.60
CA TYR A 21 0.53 2.02 -4.18
C TYR A 21 -0.95 2.01 -4.64
N SER A 22 -1.41 0.93 -5.27
CA SER A 22 -2.82 0.78 -5.65
C SER A 22 -3.75 0.85 -4.43
N ALA A 23 -3.34 0.24 -3.32
CA ALA A 23 -4.07 0.32 -2.07
C ALA A 23 -4.08 1.75 -1.54
N LEU A 24 -2.99 2.52 -1.70
CA LEU A 24 -2.96 3.94 -1.36
C LEU A 24 -4.05 4.69 -2.14
N ARG A 25 -4.13 4.48 -3.46
CA ARG A 25 -5.15 5.13 -4.30
C ARG A 25 -6.57 4.74 -3.87
N ARG A 26 -6.80 3.44 -3.64
CA ARG A 26 -8.09 2.91 -3.17
C ARG A 26 -8.46 3.47 -1.80
N TYR A 27 -7.52 3.44 -0.85
CA TYR A 27 -7.66 3.91 0.52
C TYR A 27 -8.00 5.41 0.55
N ILE A 28 -7.29 6.24 -0.22
CA ILE A 28 -7.59 7.66 -0.35
C ILE A 28 -8.97 7.89 -0.98
N ASN A 29 -9.31 7.19 -2.08
CA ASN A 29 -10.65 7.23 -2.67
C ASN A 29 -11.74 6.78 -1.68
N MET A 30 -11.44 5.82 -0.80
CA MET A 30 -12.33 5.37 0.26
C MET A 30 -12.46 6.40 1.40
N LEU A 31 -11.37 7.07 1.76
CA LEU A 31 -11.36 8.14 2.76
C LEU A 31 -12.15 9.37 2.31
N THR A 32 -12.18 9.64 1.00
CA THR A 32 -12.99 10.74 0.44
C THR A 32 -14.39 10.30 0.01
N ARG A 33 -14.59 8.97 -0.18
CA ARG A 33 -15.74 8.28 -0.76
C ARG A 33 -15.95 8.67 -2.24
N PRO A 34 -16.43 7.75 -3.12
CA PRO A 34 -16.89 8.10 -4.46
C PRO A 34 -18.24 8.86 -4.44
N ARG A 35 -18.32 9.97 -3.67
CA ARG A 35 -19.48 10.88 -3.65
C ARG A 35 -19.64 11.66 -4.97
N TYR A 36 -18.59 11.70 -5.79
CA TYR A 36 -18.52 12.42 -7.06
C TYR A 36 -18.18 11.46 -8.20
N NH2 A 37 -19.02 11.39 -9.22
HN1 NH2 A 37 -19.88 11.90 -9.23
HN2 NH2 A 37 -18.78 10.72 -9.92
N ALA A 1 -5.41 -16.63 7.14
CA ALA A 1 -5.00 -16.19 5.78
C ALA A 1 -3.48 -16.30 5.62
N PRO A 2 -2.97 -16.52 4.40
CA PRO A 2 -1.53 -16.60 4.12
C PRO A 2 -0.89 -15.20 4.17
N LEU A 3 0.08 -15.03 5.07
CA LEU A 3 0.87 -13.82 5.24
C LEU A 3 2.14 -14.16 6.02
N GLU A 4 3.32 -14.02 5.42
CA GLU A 4 4.60 -14.26 6.08
C GLU A 4 4.86 -13.20 7.17
N PRO A 5 4.87 -13.57 8.47
CA PRO A 5 5.08 -12.62 9.57
C PRO A 5 6.53 -12.14 9.71
N VAL A 6 7.43 -12.70 8.90
CA VAL A 6 8.85 -12.41 8.79
C VAL A 6 9.37 -12.97 7.45
N TYR A 7 10.58 -12.56 7.02
CA TYR A 7 11.27 -13.12 5.85
C TYR A 7 10.39 -13.14 4.58
N PRO A 8 10.19 -11.99 3.90
CA PRO A 8 9.35 -11.90 2.69
C PRO A 8 9.96 -12.60 1.45
N GLY A 9 11.17 -13.16 1.59
CA GLY A 9 11.88 -13.92 0.56
C GLY A 9 12.75 -13.03 -0.32
N ASP A 10 12.14 -12.00 -0.91
CA ASP A 10 12.81 -10.96 -1.69
C ASP A 10 12.75 -9.59 -0.98
N ASN A 11 13.46 -8.59 -1.51
CA ASN A 11 13.48 -7.21 -1.02
C ASN A 11 12.07 -6.59 -1.03
N ALA A 12 11.64 -6.17 -2.22
CA ALA A 12 10.35 -5.56 -2.50
C ALA A 12 9.88 -6.07 -3.87
N THR A 13 9.16 -7.19 -3.86
CA THR A 13 8.58 -7.82 -5.06
C THR A 13 7.70 -6.83 -5.84
N PRO A 14 7.81 -6.79 -7.17
CA PRO A 14 7.03 -5.85 -7.99
C PRO A 14 5.53 -6.11 -7.88
N GLU A 15 5.12 -7.31 -7.47
CA GLU A 15 3.71 -7.68 -7.28
C GLU A 15 3.14 -7.22 -5.95
N GLN A 16 3.99 -6.80 -5.00
CA GLN A 16 3.57 -6.22 -3.73
C GLN A 16 3.65 -4.69 -3.77
N MET A 17 4.66 -4.15 -4.46
CA MET A 17 4.89 -2.72 -4.63
C MET A 17 3.79 -2.08 -5.49
N ALA A 18 3.43 -2.73 -6.61
CA ALA A 18 2.31 -2.26 -7.43
C ALA A 18 0.98 -2.32 -6.67
N ARG A 19 0.89 -3.19 -5.65
CA ARG A 19 -0.30 -3.33 -4.80
C ARG A 19 -0.36 -2.25 -3.73
N TYR A 20 0.73 -2.00 -3.01
CA TYR A 20 0.86 -0.95 -2.00
C TYR A 20 0.41 0.41 -2.56
N TYR A 21 0.90 0.75 -3.76
CA TYR A 21 0.57 2.00 -4.44
C TYR A 21 -0.91 2.08 -4.88
N SER A 22 -1.43 0.97 -5.45
CA SER A 22 -2.85 0.86 -5.84
C SER A 22 -3.76 0.95 -4.62
N ALA A 23 -3.40 0.25 -3.54
CA ALA A 23 -4.09 0.28 -2.27
C ALA A 23 -4.12 1.69 -1.70
N LEU A 24 -3.01 2.44 -1.73
CA LEU A 24 -2.97 3.86 -1.38
C LEU A 24 -4.03 4.65 -2.18
N ARG A 25 -4.06 4.48 -3.50
CA ARG A 25 -5.04 5.18 -4.35
C ARG A 25 -6.48 4.86 -3.95
N ARG A 26 -6.80 3.56 -3.82
CA ARG A 26 -8.13 3.10 -3.39
C ARG A 26 -8.47 3.55 -1.96
N TYR A 27 -7.49 3.56 -1.07
CA TYR A 27 -7.58 4.02 0.32
C TYR A 27 -7.94 5.50 0.40
N ILE A 28 -7.28 6.36 -0.38
CA ILE A 28 -7.64 7.79 -0.48
C ILE A 28 -9.08 7.98 -0.96
N ASN A 29 -9.50 7.23 -2.00
CA ASN A 29 -10.90 7.25 -2.44
C ASN A 29 -11.84 6.85 -1.29
N MET A 30 -11.55 5.73 -0.62
CA MET A 30 -12.33 5.24 0.51
C MET A 30 -12.38 6.24 1.68
N LEU A 31 -11.29 6.95 1.97
CA LEU A 31 -11.24 8.03 2.96
C LEU A 31 -12.11 9.25 2.58
N THR A 32 -12.46 9.39 1.30
CA THR A 32 -13.35 10.41 0.76
C THR A 32 -14.67 9.77 0.28
N ARG A 33 -15.12 8.73 0.99
CA ARG A 33 -16.41 8.07 0.76
C ARG A 33 -17.60 9.06 0.84
N PRO A 34 -18.75 8.71 0.24
CA PRO A 34 -19.95 9.53 0.28
C PRO A 34 -20.55 9.52 1.69
N ARG A 35 -20.15 10.51 2.51
CA ARG A 35 -20.62 10.67 3.89
C ARG A 35 -20.96 12.12 4.24
N TYR A 36 -21.84 12.71 3.43
CA TYR A 36 -22.38 14.06 3.61
C TYR A 36 -21.28 15.15 3.65
N NH2 A 37 -20.68 15.44 2.52
HN1 NH2 A 37 -20.89 14.96 1.67
HN2 NH2 A 37 -19.96 16.15 2.60
N ALA A 1 17.90 -0.44 10.10
CA ALA A 1 16.72 -0.69 10.95
C ALA A 1 16.53 -2.21 11.14
N PRO A 2 15.94 -2.67 12.26
CA PRO A 2 15.63 -4.07 12.51
C PRO A 2 14.40 -4.52 11.67
N LEU A 3 14.56 -4.45 10.34
CA LEU A 3 13.62 -5.03 9.38
C LEU A 3 13.88 -6.54 9.20
N GLU A 4 13.26 -7.13 8.19
CA GLU A 4 13.26 -8.58 7.91
C GLU A 4 12.47 -9.28 9.03
N PRO A 5 11.13 -9.11 9.05
CA PRO A 5 10.27 -9.82 9.98
C PRO A 5 10.20 -11.32 9.66
N VAL A 6 9.26 -12.04 10.29
CA VAL A 6 8.91 -13.42 9.93
C VAL A 6 8.75 -13.60 8.42
N TYR A 7 8.94 -14.84 7.94
CA TYR A 7 8.98 -15.22 6.52
C TYR A 7 10.12 -14.54 5.75
N PRO A 8 10.50 -15.04 4.54
CA PRO A 8 11.51 -14.38 3.72
C PRO A 8 10.97 -13.05 3.19
N GLY A 9 11.72 -11.96 3.39
CA GLY A 9 11.35 -10.64 2.89
C GLY A 9 11.64 -10.45 1.38
N ASP A 10 12.77 -10.98 0.91
CA ASP A 10 13.28 -10.85 -0.47
C ASP A 10 13.60 -9.39 -0.85
N ASN A 11 14.10 -9.14 -2.06
CA ASN A 11 14.43 -7.79 -2.56
C ASN A 11 13.16 -7.04 -3.04
N ALA A 12 12.13 -7.01 -2.18
CA ALA A 12 10.77 -6.59 -2.50
C ALA A 12 10.17 -7.40 -3.67
N THR A 13 9.02 -6.97 -4.20
CA THR A 13 8.38 -7.64 -5.34
C THR A 13 7.48 -6.66 -6.11
N PRO A 14 7.45 -6.72 -7.45
CA PRO A 14 6.60 -5.84 -8.26
C PRO A 14 5.11 -6.11 -8.00
N GLU A 15 4.75 -7.27 -7.43
CA GLU A 15 3.37 -7.63 -7.11
C GLU A 15 2.90 -7.04 -5.77
N GLN A 16 3.84 -6.69 -4.89
CA GLN A 16 3.55 -6.04 -3.61
C GLN A 16 3.66 -4.51 -3.74
N MET A 17 4.66 -4.03 -4.49
CA MET A 17 4.87 -2.59 -4.71
C MET A 17 3.74 -2.00 -5.53
N ALA A 18 3.31 -2.70 -6.60
CA ALA A 18 2.17 -2.25 -7.38
C ALA A 18 0.86 -2.31 -6.57
N ARG A 19 0.80 -3.16 -5.54
CA ARG A 19 -0.35 -3.28 -4.64
C ARG A 19 -0.37 -2.19 -3.58
N TYR A 20 0.76 -1.90 -2.93
CA TYR A 20 0.91 -0.83 -1.95
C TYR A 20 0.39 0.50 -2.50
N TYR A 21 0.83 0.84 -3.72
CA TYR A 21 0.44 2.07 -4.41
C TYR A 21 -1.02 2.04 -4.89
N SER A 22 -1.51 0.90 -5.41
CA SER A 22 -2.93 0.75 -5.79
C SER A 22 -3.86 0.85 -4.58
N ALA A 23 -3.46 0.21 -3.48
CA ALA A 23 -4.17 0.27 -2.21
C ALA A 23 -4.16 1.69 -1.66
N LEU A 24 -3.08 2.48 -1.85
CA LEU A 24 -3.04 3.90 -1.51
C LEU A 24 -4.09 4.67 -2.31
N ARG A 25 -4.09 4.55 -3.65
CA ARG A 25 -5.06 5.27 -4.48
C ARG A 25 -6.49 4.95 -4.04
N ARG A 26 -6.78 3.67 -3.75
CA ARG A 26 -8.09 3.22 -3.29
C ARG A 26 -8.40 3.69 -1.89
N TYR A 27 -7.50 3.46 -0.92
CA TYR A 27 -7.59 3.90 0.47
C TYR A 27 -7.83 5.40 0.53
N ILE A 28 -7.21 6.21 -0.34
CA ILE A 28 -7.52 7.63 -0.41
C ILE A 28 -8.93 7.88 -0.97
N ASN A 29 -9.31 7.18 -2.04
CA ASN A 29 -10.65 7.25 -2.61
C ASN A 29 -11.72 6.88 -1.58
N MET A 30 -11.52 5.81 -0.79
CA MET A 30 -12.45 5.35 0.24
C MET A 30 -12.39 6.17 1.54
N LEU A 31 -11.25 6.81 1.85
CA LEU A 31 -11.09 7.69 3.01
C LEU A 31 -11.78 9.04 2.80
N THR A 32 -11.63 9.61 1.60
CA THR A 32 -12.27 10.87 1.22
C THR A 32 -13.62 10.68 0.51
N ARG A 33 -14.04 9.43 0.29
CA ARG A 33 -15.35 9.04 -0.28
C ARG A 33 -16.52 9.73 0.42
N PRO A 34 -16.64 9.65 1.77
CA PRO A 34 -17.69 10.34 2.49
C PRO A 34 -17.40 11.85 2.56
N ARG A 35 -18.13 12.63 1.75
CA ARG A 35 -18.03 14.09 1.69
C ARG A 35 -19.23 14.68 0.95
N TYR A 36 -20.31 14.92 1.68
CA TYR A 36 -21.56 15.47 1.13
C TYR A 36 -21.76 16.94 1.52
N NH2 A 37 -22.40 17.74 0.68
HN1 NH2 A 37 -22.72 17.43 -0.22
HN2 NH2 A 37 -22.43 18.70 0.98
N ALA A 1 20.68 9.06 16.11
CA ALA A 1 19.37 9.14 16.77
C ALA A 1 18.37 8.26 16.00
N PRO A 2 17.27 7.78 16.60
CA PRO A 2 16.25 6.97 15.94
C PRO A 2 15.37 7.84 15.03
N LEU A 3 16.01 8.44 14.02
CA LEU A 3 15.38 9.24 12.96
C LEU A 3 14.55 8.33 12.04
N GLU A 4 13.84 8.92 11.08
CA GLU A 4 13.03 8.18 10.10
C GLU A 4 13.85 7.06 9.40
N PRO A 5 13.23 5.89 9.13
CA PRO A 5 13.92 4.76 8.52
C PRO A 5 14.36 5.13 7.09
N VAL A 6 15.67 5.00 6.83
CA VAL A 6 16.25 5.19 5.49
C VAL A 6 15.51 4.34 4.46
N TYR A 7 15.50 4.80 3.20
CA TYR A 7 14.79 4.23 2.05
C TYR A 7 14.57 2.71 2.16
N PRO A 8 13.41 2.26 2.71
CA PRO A 8 13.17 0.85 2.97
C PRO A 8 12.76 0.07 1.71
N GLY A 9 12.57 0.79 0.60
CA GLY A 9 12.30 0.25 -0.74
C GLY A 9 13.56 -0.36 -1.36
N ASP A 10 14.28 0.42 -2.17
CA ASP A 10 15.56 0.07 -2.84
C ASP A 10 15.61 -1.36 -3.39
N ASN A 11 14.98 -1.60 -4.56
CA ASN A 11 14.75 -2.94 -5.11
C ASN A 11 13.96 -3.83 -4.13
N ALA A 12 12.64 -3.58 -4.08
CA ALA A 12 11.70 -4.32 -3.25
C ALA A 12 10.69 -5.10 -4.11
N THR A 13 9.84 -5.87 -3.44
CA THR A 13 8.84 -6.78 -3.98
C THR A 13 7.92 -6.10 -5.00
N PRO A 14 8.07 -6.32 -6.32
CA PRO A 14 7.41 -5.54 -7.36
C PRO A 14 5.89 -5.82 -7.39
N GLU A 15 5.54 -7.09 -7.29
CA GLU A 15 4.15 -7.60 -7.31
C GLU A 15 3.36 -7.18 -6.07
N GLN A 16 4.05 -6.76 -5.01
CA GLN A 16 3.50 -6.17 -3.80
C GLN A 16 3.62 -4.63 -3.80
N MET A 17 4.61 -4.05 -4.49
CA MET A 17 4.79 -2.61 -4.66
C MET A 17 3.66 -2.02 -5.52
N ALA A 18 3.36 -2.67 -6.65
CA ALA A 18 2.22 -2.28 -7.47
C ALA A 18 0.89 -2.37 -6.70
N ARG A 19 0.83 -3.25 -5.69
CA ARG A 19 -0.31 -3.39 -4.79
C ARG A 19 -0.36 -2.30 -3.73
N TYR A 20 0.73 -2.03 -3.03
CA TYR A 20 0.84 -0.96 -2.04
C TYR A 20 0.38 0.38 -2.60
N TYR A 21 0.91 0.78 -3.76
CA TYR A 21 0.53 2.01 -4.45
C TYR A 21 -0.95 2.03 -4.85
N SER A 22 -1.45 0.91 -5.40
CA SER A 22 -2.85 0.81 -5.78
C SER A 22 -3.78 0.88 -4.56
N ALA A 23 -3.35 0.29 -3.44
CA ALA A 23 -4.04 0.36 -2.16
C ALA A 23 -4.04 1.80 -1.65
N LEU A 24 -2.93 2.55 -1.73
CA LEU A 24 -2.88 3.97 -1.38
C LEU A 24 -3.94 4.76 -2.18
N ARG A 25 -4.02 4.55 -3.51
CA ARG A 25 -5.02 5.20 -4.34
C ARG A 25 -6.45 4.86 -3.91
N ARG A 26 -6.75 3.56 -3.75
CA ARG A 26 -8.08 3.10 -3.34
C ARG A 26 -8.44 3.56 -1.92
N TYR A 27 -7.45 3.57 -1.01
CA TYR A 27 -7.57 4.00 0.38
C TYR A 27 -7.94 5.48 0.46
N ILE A 28 -7.25 6.35 -0.31
CA ILE A 28 -7.60 7.76 -0.43
C ILE A 28 -9.04 7.93 -0.93
N ASN A 29 -9.43 7.20 -1.99
CA ASN A 29 -10.80 7.23 -2.49
C ASN A 29 -11.81 6.80 -1.41
N MET A 30 -11.55 5.70 -0.70
CA MET A 30 -12.37 5.22 0.41
C MET A 30 -12.50 6.25 1.53
N LEU A 31 -11.38 6.87 1.95
CA LEU A 31 -11.33 7.94 2.94
C LEU A 31 -12.03 9.22 2.46
N THR A 32 -12.19 9.38 1.14
CA THR A 32 -12.84 10.53 0.48
C THR A 32 -14.23 10.13 -0.05
N ARG A 33 -14.82 9.04 0.48
CA ARG A 33 -16.21 8.65 0.20
C ARG A 33 -17.20 9.81 0.35
N PRO A 34 -17.27 10.49 1.52
CA PRO A 34 -18.20 11.59 1.73
C PRO A 34 -17.72 12.85 1.01
N ARG A 35 -18.23 13.05 -0.21
CA ARG A 35 -17.99 14.23 -1.05
C ARG A 35 -19.01 14.33 -2.20
N TYR A 36 -19.34 13.19 -2.79
CA TYR A 36 -20.27 13.05 -3.91
C TYR A 36 -21.71 13.30 -3.46
N NH2 A 37 -22.50 14.05 -4.23
HN1 NH2 A 37 -22.16 14.49 -5.07
HN2 NH2 A 37 -23.45 14.15 -3.89
N ALA A 1 3.79 12.53 10.45
CA ALA A 1 3.13 12.66 9.13
C ALA A 1 4.16 12.93 8.03
N PRO A 2 4.93 14.03 8.07
CA PRO A 2 6.02 14.24 7.14
C PRO A 2 7.20 13.31 7.45
N LEU A 3 8.23 13.37 6.59
CA LEU A 3 9.42 12.51 6.58
C LEU A 3 9.07 11.04 6.24
N GLU A 4 9.92 10.41 5.42
CA GLU A 4 9.72 9.01 5.04
C GLU A 4 9.92 8.07 6.25
N PRO A 5 9.27 6.88 6.27
CA PRO A 5 9.33 5.93 7.37
C PRO A 5 10.66 5.17 7.47
N VAL A 6 11.78 5.93 7.55
CA VAL A 6 13.18 5.49 7.46
C VAL A 6 13.46 4.93 6.05
N TYR A 7 14.71 5.00 5.57
CA TYR A 7 15.10 4.50 4.24
C TYR A 7 14.24 5.08 3.09
N PRO A 8 14.58 6.24 2.51
CA PRO A 8 13.82 6.87 1.43
C PRO A 8 13.99 6.11 0.10
N GLY A 9 13.45 4.89 0.04
CA GLY A 9 13.55 3.96 -1.09
C GLY A 9 13.67 2.51 -0.61
N ASP A 10 12.57 1.75 -0.70
CA ASP A 10 12.56 0.31 -0.40
C ASP A 10 12.86 -0.52 -1.66
N ASN A 11 13.15 -1.82 -1.47
CA ASN A 11 13.42 -2.79 -2.53
C ASN A 11 12.64 -4.09 -2.29
N ALA A 12 11.36 -4.09 -2.67
CA ALA A 12 10.49 -5.26 -2.56
C ALA A 12 10.01 -5.73 -3.94
N THR A 13 9.35 -6.89 -3.98
CA THR A 13 8.77 -7.47 -5.19
C THR A 13 7.84 -6.49 -5.92
N PRO A 14 7.92 -6.41 -7.26
CA PRO A 14 7.09 -5.50 -8.03
C PRO A 14 5.60 -5.85 -7.93
N GLU A 15 5.27 -7.07 -7.51
CA GLU A 15 3.90 -7.56 -7.33
C GLU A 15 3.30 -7.14 -5.98
N GLN A 16 4.13 -6.67 -5.05
CA GLN A 16 3.70 -6.12 -3.76
C GLN A 16 3.72 -4.59 -3.79
N MET A 17 4.70 -4.00 -4.49
CA MET A 17 4.84 -2.56 -4.65
C MET A 17 3.71 -1.97 -5.50
N ALA A 18 3.37 -2.62 -6.62
CA ALA A 18 2.23 -2.21 -7.42
C ALA A 18 0.91 -2.33 -6.64
N ARG A 19 0.86 -3.25 -5.66
CA ARG A 19 -0.30 -3.42 -4.78
C ARG A 19 -0.39 -2.33 -3.74
N TYR A 20 0.70 -2.03 -3.03
CA TYR A 20 0.80 -0.99 -2.01
C TYR A 20 0.36 0.36 -2.56
N TYR A 21 0.89 0.76 -3.73
CA TYR A 21 0.52 1.98 -4.42
C TYR A 21 -0.96 2.00 -4.80
N SER A 22 -1.46 0.93 -5.42
CA SER A 22 -2.86 0.82 -5.82
C SER A 22 -3.79 0.88 -4.60
N ALA A 23 -3.38 0.24 -3.50
CA ALA A 23 -4.06 0.32 -2.23
C ALA A 23 -4.09 1.76 -1.71
N LEU A 24 -3.00 2.52 -1.78
CA LEU A 24 -2.95 3.93 -1.41
C LEU A 24 -3.99 4.73 -2.21
N ARG A 25 -4.05 4.55 -3.54
CA ARG A 25 -5.04 5.24 -4.39
C ARG A 25 -6.46 4.91 -3.93
N ARG A 26 -6.78 3.62 -3.79
CA ARG A 26 -8.11 3.16 -3.37
C ARG A 26 -8.46 3.59 -1.94
N TYR A 27 -7.49 3.50 -1.03
CA TYR A 27 -7.58 3.92 0.36
C TYR A 27 -7.93 5.40 0.46
N ILE A 28 -7.23 6.26 -0.29
CA ILE A 28 -7.58 7.68 -0.41
C ILE A 28 -9.03 7.83 -0.90
N ASN A 29 -9.42 7.19 -2.00
CA ASN A 29 -10.82 7.24 -2.45
C ASN A 29 -11.80 6.83 -1.34
N MET A 30 -11.53 5.71 -0.66
CA MET A 30 -12.30 5.22 0.49
C MET A 30 -12.30 6.16 1.70
N LEU A 31 -11.30 7.03 1.88
CA LEU A 31 -11.29 8.10 2.86
C LEU A 31 -12.11 9.32 2.40
N THR A 32 -12.36 9.42 1.08
CA THR A 32 -13.21 10.46 0.48
C THR A 32 -14.68 10.04 0.39
N ARG A 33 -14.95 8.73 0.41
CA ARG A 33 -16.29 8.14 0.46
C ARG A 33 -17.18 8.68 1.59
N PRO A 34 -16.68 8.74 2.86
CA PRO A 34 -17.43 9.33 3.95
C PRO A 34 -17.48 10.87 3.95
N ARG A 35 -16.84 11.52 2.96
CA ARG A 35 -16.72 12.99 2.73
C ARG A 35 -15.57 13.36 1.79
N TYR A 36 -14.34 13.31 2.34
CA TYR A 36 -13.11 13.80 1.68
C TYR A 36 -11.86 13.28 2.41
N NH2 A 37 -11.79 13.35 3.72
HN1 NH2 A 37 -12.48 13.80 4.28
HN2 NH2 A 37 -10.99 12.90 4.12
N ALA A 1 -12.36 -20.20 -6.82
CA ALA A 1 -12.61 -20.79 -5.48
C ALA A 1 -12.11 -19.83 -4.39
N PRO A 2 -12.52 -19.98 -3.12
CA PRO A 2 -12.03 -19.17 -2.01
C PRO A 2 -10.57 -19.54 -1.72
N LEU A 3 -9.65 -18.62 -2.04
CA LEU A 3 -8.25 -18.72 -1.67
C LEU A 3 -8.06 -18.68 -0.15
N GLU A 4 -6.83 -18.94 0.31
CA GLU A 4 -6.46 -18.87 1.72
C GLU A 4 -6.70 -17.46 2.32
N PRO A 5 -6.89 -17.38 3.66
CA PRO A 5 -7.07 -16.10 4.36
C PRO A 5 -5.77 -15.28 4.38
N VAL A 6 -5.79 -14.17 5.10
CA VAL A 6 -4.64 -13.28 5.34
C VAL A 6 -3.35 -14.06 5.59
N TYR A 7 -2.32 -13.79 4.78
CA TYR A 7 -1.06 -14.54 4.80
C TYR A 7 0.08 -13.64 4.30
N PRO A 8 0.72 -12.85 5.19
CA PRO A 8 1.86 -12.04 4.80
C PRO A 8 3.09 -12.92 4.55
N GLY A 9 3.92 -12.51 3.59
CA GLY A 9 5.09 -13.26 3.15
C GLY A 9 6.07 -12.31 2.47
N ASP A 10 6.97 -11.74 3.25
CA ASP A 10 7.94 -10.69 2.85
C ASP A 10 7.27 -9.34 2.51
N ASN A 11 8.09 -8.30 2.38
CA ASN A 11 7.66 -6.96 1.97
C ASN A 11 8.65 -6.37 0.98
N ALA A 12 8.52 -6.79 -0.28
CA ALA A 12 9.28 -6.33 -1.44
C ALA A 12 8.62 -6.88 -2.72
N THR A 13 9.25 -6.66 -3.88
CA THR A 13 8.86 -7.14 -5.22
C THR A 13 7.83 -6.22 -5.89
N PRO A 14 7.76 -6.22 -7.24
CA PRO A 14 6.86 -5.32 -7.98
C PRO A 14 5.40 -5.69 -7.79
N GLU A 15 5.07 -6.97 -7.72
CA GLU A 15 3.70 -7.46 -7.49
C GLU A 15 3.11 -7.03 -6.15
N GLN A 16 3.98 -6.76 -5.18
CA GLN A 16 3.60 -6.20 -3.88
C GLN A 16 3.70 -4.66 -3.89
N MET A 17 4.68 -4.08 -4.60
CA MET A 17 4.88 -2.63 -4.70
C MET A 17 3.74 -1.97 -5.48
N ALA A 18 3.37 -2.55 -6.63
CA ALA A 18 2.25 -2.10 -7.45
C ALA A 18 0.92 -2.22 -6.68
N ARG A 19 0.85 -3.15 -5.73
CA ARG A 19 -0.31 -3.35 -4.85
C ARG A 19 -0.35 -2.31 -3.73
N TYR A 20 0.78 -2.06 -3.04
CA TYR A 20 0.93 -1.05 -2.02
C TYR A 20 0.45 0.34 -2.51
N TYR A 21 0.93 0.75 -3.68
CA TYR A 21 0.51 2.00 -4.33
C TYR A 21 -0.97 1.99 -4.76
N SER A 22 -1.44 0.88 -5.37
CA SER A 22 -2.85 0.73 -5.74
C SER A 22 -3.78 0.85 -4.52
N ALA A 23 -3.38 0.21 -3.41
CA ALA A 23 -4.07 0.30 -2.14
C ALA A 23 -4.08 1.74 -1.64
N LEU A 24 -2.98 2.50 -1.74
CA LEU A 24 -2.98 3.93 -1.42
C LEU A 24 -4.05 4.67 -2.22
N ARG A 25 -4.11 4.48 -3.55
CA ARG A 25 -5.12 5.14 -4.38
C ARG A 25 -6.54 4.82 -3.93
N ARG A 26 -6.84 3.51 -3.76
CA ARG A 26 -8.15 3.05 -3.32
C ARG A 26 -8.49 3.52 -1.91
N TYR A 27 -7.51 3.50 -1.01
CA TYR A 27 -7.61 3.97 0.36
C TYR A 27 -7.97 5.45 0.43
N ILE A 28 -7.30 6.31 -0.36
CA ILE A 28 -7.61 7.74 -0.47
C ILE A 28 -9.04 7.97 -0.98
N ASN A 29 -9.44 7.24 -2.03
CA ASN A 29 -10.80 7.25 -2.57
C ASN A 29 -11.83 6.87 -1.48
N MET A 30 -11.53 5.81 -0.72
CA MET A 30 -12.35 5.37 0.40
C MET A 30 -12.38 6.39 1.55
N LEU A 31 -11.23 6.96 1.95
CA LEU A 31 -11.15 7.98 2.97
C LEU A 31 -12.02 9.20 2.62
N THR A 32 -11.89 9.65 1.37
CA THR A 32 -12.64 10.79 0.84
C THR A 32 -13.93 10.33 0.14
N ARG A 33 -14.52 9.20 0.59
CA ARG A 33 -15.84 8.73 0.15
C ARG A 33 -16.93 9.82 0.26
N PRO A 34 -17.13 10.46 1.42
CA PRO A 34 -18.18 11.48 1.59
C PRO A 34 -17.76 12.81 0.94
N ARG A 35 -17.96 12.90 -0.37
CA ARG A 35 -17.65 14.08 -1.18
C ARG A 35 -18.35 14.01 -2.54
N TYR A 36 -19.61 14.50 -2.58
CA TYR A 36 -20.42 14.64 -3.79
C TYR A 36 -20.54 13.33 -4.59
N NH2 A 37 -21.39 12.43 -4.15
HN1 NH2 A 37 -21.90 12.55 -3.30
HN2 NH2 A 37 -21.40 11.57 -4.69
N ALA A 1 35.06 2.54 9.33
CA ALA A 1 35.78 1.29 9.01
C ALA A 1 34.80 0.12 8.79
N PRO A 2 34.05 -0.34 9.81
CA PRO A 2 33.06 -1.39 9.61
C PRO A 2 31.87 -0.85 8.81
N LEU A 3 31.18 -1.75 8.10
CA LEU A 3 30.03 -1.44 7.26
C LEU A 3 30.31 -0.27 6.29
N GLU A 4 31.22 -0.49 5.34
CA GLU A 4 31.53 0.47 4.26
C GLU A 4 30.29 0.80 3.39
N PRO A 5 29.62 -0.19 2.77
CA PRO A 5 28.48 0.06 1.91
C PRO A 5 27.22 0.36 2.73
N VAL A 6 26.80 1.63 2.74
CA VAL A 6 25.60 2.10 3.44
C VAL A 6 24.37 1.34 2.90
N TYR A 7 23.42 1.04 3.79
CA TYR A 7 22.17 0.36 3.49
C TYR A 7 20.97 1.34 3.64
N PRO A 8 20.58 2.07 2.57
CA PRO A 8 19.40 2.94 2.60
C PRO A 8 18.06 2.18 2.54
N GLY A 9 18.11 0.84 2.35
CA GLY A 9 16.95 -0.04 2.27
C GLY A 9 16.64 -0.41 0.83
N ASP A 10 17.05 -1.61 0.41
CA ASP A 10 16.85 -2.10 -0.96
C ASP A 10 16.31 -3.54 -0.94
N ASN A 11 14.99 -3.67 -0.77
CA ASN A 11 14.29 -4.97 -0.70
C ASN A 11 12.81 -4.78 -1.07
N ALA A 12 12.46 -5.07 -2.32
CA ALA A 12 11.10 -5.02 -2.83
C ALA A 12 10.62 -6.41 -3.30
N THR A 13 9.39 -6.48 -3.79
CA THR A 13 8.76 -7.74 -4.21
C THR A 13 7.81 -7.49 -5.40
N PRO A 14 7.70 -8.44 -6.36
CA PRO A 14 6.81 -8.33 -7.51
C PRO A 14 5.35 -8.47 -7.08
N GLU A 15 4.44 -7.87 -7.86
CA GLU A 15 3.00 -7.75 -7.57
C GLU A 15 2.68 -7.09 -6.21
N GLN A 16 3.69 -6.61 -5.49
CA GLN A 16 3.54 -5.90 -4.23
C GLN A 16 3.74 -4.41 -4.43
N MET A 17 4.66 -3.97 -5.31
CA MET A 17 4.90 -2.55 -5.56
C MET A 17 3.69 -1.86 -6.19
N ALA A 18 3.09 -2.52 -7.20
CA ALA A 18 1.85 -2.03 -7.80
C ALA A 18 0.66 -2.13 -6.83
N ARG A 19 0.75 -3.02 -5.82
CA ARG A 19 -0.27 -3.19 -4.79
C ARG A 19 -0.15 -2.16 -3.69
N TYR A 20 1.05 -1.87 -3.20
CA TYR A 20 1.35 -0.86 -2.19
C TYR A 20 0.75 0.49 -2.57
N TYR A 21 1.00 0.92 -3.82
CA TYR A 21 0.44 2.14 -4.39
C TYR A 21 -1.08 2.03 -4.65
N SER A 22 -1.55 0.89 -5.19
CA SER A 22 -2.97 0.67 -5.44
C SER A 22 -3.80 0.67 -4.15
N ALA A 23 -3.31 0.02 -3.08
CA ALA A 23 -3.93 -0.01 -1.75
C ALA A 23 -3.93 1.37 -1.11
N LEU A 24 -2.92 2.20 -1.40
CA LEU A 24 -2.88 3.60 -1.04
C LEU A 24 -4.02 4.36 -1.72
N ARG A 25 -4.07 4.35 -3.06
CA ARG A 25 -5.12 5.07 -3.78
C ARG A 25 -6.51 4.51 -3.47
N ARG A 26 -6.61 3.23 -3.08
CA ARG A 26 -7.85 2.62 -2.61
C ARG A 26 -8.38 3.29 -1.36
N TYR A 27 -7.58 3.34 -0.28
CA TYR A 27 -8.03 3.99 0.95
C TYR A 27 -8.16 5.51 0.75
N ILE A 28 -7.32 6.15 -0.07
CA ILE A 28 -7.43 7.60 -0.32
C ILE A 28 -8.73 7.94 -1.07
N ASN A 29 -9.06 7.16 -2.11
CA ASN A 29 -10.30 7.33 -2.86
C ASN A 29 -11.52 7.06 -1.97
N MET A 30 -11.51 5.96 -1.20
CA MET A 30 -12.61 5.63 -0.29
C MET A 30 -12.80 6.67 0.82
N LEU A 31 -11.72 7.27 1.32
CA LEU A 31 -11.77 8.35 2.30
C LEU A 31 -12.30 9.67 1.71
N THR A 32 -12.08 9.87 0.41
CA THR A 32 -12.52 11.07 -0.33
C THR A 32 -13.75 10.76 -1.22
N ARG A 33 -14.49 9.68 -0.91
CA ARG A 33 -15.77 9.37 -1.55
C ARG A 33 -16.82 10.46 -1.38
N PRO A 34 -17.15 10.91 -0.15
CA PRO A 34 -18.19 11.91 0.07
C PRO A 34 -17.68 13.31 -0.28
N ARG A 35 -17.75 13.67 -1.57
CA ARG A 35 -17.32 14.97 -2.13
C ARG A 35 -17.70 15.10 -3.61
N TYR A 36 -18.93 15.53 -3.86
CA TYR A 36 -19.50 15.67 -5.20
C TYR A 36 -20.37 16.94 -5.30
N NH2 A 37 -20.03 17.87 -6.18
HN1 NH2 A 37 -19.19 17.82 -6.74
HN2 NH2 A 37 -20.63 18.68 -6.18
N ALA A 1 13.76 -30.30 6.41
CA ALA A 1 14.94 -30.16 7.28
C ALA A 1 14.95 -28.80 7.97
N PRO A 2 15.01 -27.66 7.25
CA PRO A 2 14.92 -26.36 7.89
C PRO A 2 13.51 -26.12 8.45
N LEU A 3 13.40 -25.20 9.41
CA LEU A 3 12.16 -24.77 10.02
C LEU A 3 11.85 -23.33 9.56
N GLU A 4 10.56 -23.07 9.35
CA GLU A 4 10.02 -21.81 8.84
C GLU A 4 10.57 -21.43 7.43
N PRO A 5 10.01 -20.41 6.75
CA PRO A 5 10.58 -19.89 5.52
C PRO A 5 11.82 -19.02 5.81
N VAL A 6 12.75 -18.99 4.86
CA VAL A 6 13.98 -18.15 4.92
C VAL A 6 13.71 -16.73 4.39
N TYR A 7 12.43 -16.34 4.34
CA TYR A 7 11.95 -15.06 3.83
C TYR A 7 11.23 -14.28 4.93
N PRO A 8 11.19 -12.94 4.83
CA PRO A 8 10.41 -12.10 5.74
C PRO A 8 8.89 -12.20 5.51
N GLY A 9 8.46 -12.96 4.50
CA GLY A 9 7.06 -13.14 4.11
C GLY A 9 6.59 -11.99 3.22
N ASP A 10 6.63 -10.78 3.76
CA ASP A 10 6.22 -9.54 3.11
C ASP A 10 6.96 -8.35 3.74
N ASN A 11 7.72 -7.59 2.92
CA ASN A 11 8.39 -6.36 3.35
C ASN A 11 9.00 -5.61 2.14
N ALA A 12 8.17 -4.99 1.30
CA ALA A 12 8.57 -4.28 0.07
C ALA A 12 9.05 -5.26 -1.02
N THR A 13 8.26 -5.45 -2.08
CA THR A 13 8.56 -6.45 -3.12
C THR A 13 8.12 -5.93 -4.49
N PRO A 14 8.64 -6.49 -5.60
CA PRO A 14 8.26 -6.06 -6.95
C PRO A 14 6.81 -6.44 -7.31
N GLU A 15 6.15 -7.27 -6.50
CA GLU A 15 4.74 -7.66 -6.67
C GLU A 15 3.82 -7.11 -5.57
N GLN A 16 4.40 -6.62 -4.46
CA GLN A 16 3.70 -6.04 -3.33
C GLN A 16 3.68 -4.51 -3.40
N MET A 17 4.62 -3.88 -4.12
CA MET A 17 4.69 -2.44 -4.34
C MET A 17 3.59 -1.98 -5.28
N ALA A 18 3.33 -2.73 -6.36
CA ALA A 18 2.22 -2.42 -7.25
C ALA A 18 0.90 -2.51 -6.50
N ARG A 19 0.79 -3.43 -5.53
CA ARG A 19 -0.37 -3.55 -4.67
C ARG A 19 -0.46 -2.42 -3.64
N TYR A 20 0.66 -1.97 -3.10
CA TYR A 20 0.78 -0.88 -2.13
C TYR A 20 0.29 0.44 -2.73
N TYR A 21 0.91 0.87 -3.83
CA TYR A 21 0.57 2.14 -4.50
C TYR A 21 -0.90 2.19 -4.94
N SER A 22 -1.39 1.11 -5.56
CA SER A 22 -2.79 0.99 -5.97
C SER A 22 -3.73 0.98 -4.76
N ALA A 23 -3.33 0.33 -3.66
CA ALA A 23 -4.05 0.38 -2.40
C ALA A 23 -4.10 1.80 -1.84
N LEU A 24 -2.99 2.57 -1.89
CA LEU A 24 -2.98 3.98 -1.48
C LEU A 24 -4.03 4.78 -2.25
N ARG A 25 -4.14 4.57 -3.57
CA ARG A 25 -5.16 5.25 -4.39
C ARG A 25 -6.57 4.89 -3.97
N ARG A 26 -6.87 3.58 -3.88
CA ARG A 26 -8.18 3.06 -3.47
C ARG A 26 -8.53 3.51 -2.05
N TYR A 27 -7.52 3.49 -1.16
CA TYR A 27 -7.61 3.92 0.22
C TYR A 27 -7.98 5.40 0.27
N ILE A 28 -7.18 6.30 -0.35
CA ILE A 28 -7.49 7.74 -0.39
C ILE A 28 -8.91 7.99 -0.93
N ASN A 29 -9.34 7.24 -1.94
CA ASN A 29 -10.73 7.25 -2.38
C ASN A 29 -11.68 6.92 -1.21
N MET A 30 -11.58 5.70 -0.67
CA MET A 30 -12.40 5.23 0.44
C MET A 30 -12.23 6.01 1.76
N LEU A 31 -11.19 6.84 1.87
CA LEU A 31 -10.97 7.75 2.99
C LEU A 31 -11.89 8.98 2.89
N THR A 32 -12.31 9.37 1.68
CA THR A 32 -13.09 10.59 1.43
C THR A 32 -14.09 10.40 0.29
N ARG A 33 -15.13 9.59 0.53
CA ARG A 33 -16.23 9.24 -0.40
C ARG A 33 -17.29 8.35 0.27
N PRO A 34 -16.96 7.14 0.76
CA PRO A 34 -17.91 6.22 1.38
C PRO A 34 -18.22 6.73 2.79
N ARG A 35 -19.51 7.04 3.01
CA ARG A 35 -20.14 7.57 4.24
C ARG A 35 -21.53 8.14 3.99
N TYR A 36 -21.76 8.70 2.80
CA TYR A 36 -23.05 9.27 2.37
C TYR A 36 -23.60 10.28 3.39
N NH2 A 37 -23.09 11.50 3.41
HN1 NH2 A 37 -22.39 11.81 2.77
HN2 NH2 A 37 -23.49 12.08 4.12
N ALA A 1 23.16 -17.43 17.28
CA ALA A 1 23.58 -17.10 15.90
C ALA A 1 22.48 -16.35 15.14
N PRO A 2 21.28 -16.92 14.95
CA PRO A 2 20.17 -16.19 14.34
C PRO A 2 19.65 -15.09 15.29
N LEU A 3 18.80 -14.21 14.75
CA LEU A 3 18.12 -13.16 15.51
C LEU A 3 16.86 -13.72 16.18
N GLU A 4 16.68 -13.41 17.47
CA GLU A 4 15.47 -13.75 18.24
C GLU A 4 14.24 -12.97 17.75
N PRO A 5 14.26 -11.62 17.70
CA PRO A 5 13.13 -10.86 17.18
C PRO A 5 13.02 -11.00 15.67
N VAL A 6 11.83 -10.64 15.16
CA VAL A 6 11.55 -10.59 13.72
C VAL A 6 12.40 -9.51 13.03
N TYR A 7 12.27 -9.44 11.70
CA TYR A 7 12.99 -8.48 10.87
C TYR A 7 12.19 -7.18 10.66
N PRO A 8 12.85 -6.04 10.39
CA PRO A 8 12.18 -4.79 10.05
C PRO A 8 11.60 -4.79 8.61
N GLY A 9 12.02 -5.75 7.79
CA GLY A 9 11.56 -5.93 6.41
C GLY A 9 12.47 -5.21 5.43
N ASP A 10 13.44 -5.94 4.89
CA ASP A 10 14.35 -5.44 3.87
C ASP A 10 14.00 -6.06 2.53
N ASN A 11 14.19 -5.28 1.45
CA ASN A 11 13.85 -5.65 0.10
C ASN A 11 12.32 -5.79 -0.07
N ALA A 12 11.75 -4.96 -0.95
CA ALA A 12 10.36 -5.13 -1.35
C ALA A 12 10.14 -6.47 -2.09
N THR A 13 8.96 -6.66 -2.67
CA THR A 13 8.57 -7.92 -3.30
C THR A 13 7.79 -7.63 -4.60
N PRO A 14 7.97 -8.47 -5.65
CA PRO A 14 7.25 -8.29 -6.90
C PRO A 14 5.76 -8.59 -6.70
N GLU A 15 4.90 -7.97 -7.52
CA GLU A 15 3.43 -7.99 -7.41
C GLU A 15 2.88 -7.38 -6.09
N GLN A 16 3.74 -7.04 -5.12
CA GLN A 16 3.36 -6.43 -3.85
C GLN A 16 3.53 -4.90 -3.88
N MET A 17 4.50 -4.38 -4.64
CA MET A 17 4.78 -2.95 -4.76
C MET A 17 3.70 -2.24 -5.58
N ALA A 18 3.27 -2.85 -6.70
CA ALA A 18 2.16 -2.33 -7.48
C ALA A 18 0.87 -2.29 -6.66
N ARG A 19 0.72 -3.25 -5.74
CA ARG A 19 -0.41 -3.28 -4.81
C ARG A 19 -0.28 -2.25 -3.70
N TYR A 20 0.93 -1.97 -3.22
CA TYR A 20 1.23 -0.98 -2.17
C TYR A 20 0.69 0.41 -2.54
N TYR A 21 1.05 0.90 -3.74
CA TYR A 21 0.60 2.19 -4.25
C TYR A 21 -0.87 2.16 -4.70
N SER A 22 -1.32 1.06 -5.32
CA SER A 22 -2.72 0.85 -5.73
C SER A 22 -3.66 0.89 -4.52
N ALA A 23 -3.26 0.28 -3.40
CA ALA A 23 -3.97 0.37 -2.13
C ALA A 23 -4.03 1.81 -1.63
N LEU A 24 -2.95 2.59 -1.68
CA LEU A 24 -2.96 4.01 -1.32
C LEU A 24 -4.00 4.77 -2.16
N ARG A 25 -4.05 4.53 -3.47
CA ARG A 25 -5.03 5.17 -4.36
C ARG A 25 -6.46 4.85 -3.95
N ARG A 26 -6.78 3.56 -3.78
CA ARG A 26 -8.12 3.14 -3.38
C ARG A 26 -8.48 3.58 -1.96
N TYR A 27 -7.52 3.53 -1.04
CA TYR A 27 -7.63 3.97 0.35
C TYR A 27 -7.98 5.46 0.43
N ILE A 28 -7.29 6.32 -0.33
CA ILE A 28 -7.64 7.74 -0.47
C ILE A 28 -9.09 7.89 -0.96
N ASN A 29 -9.50 7.15 -1.99
CA ASN A 29 -10.88 7.19 -2.46
C ASN A 29 -11.86 6.79 -1.35
N MET A 30 -11.61 5.68 -0.64
CA MET A 30 -12.43 5.24 0.50
C MET A 30 -12.50 6.26 1.65
N LEU A 31 -11.42 7.00 1.91
CA LEU A 31 -11.40 8.11 2.85
C LEU A 31 -12.34 9.25 2.43
N THR A 32 -12.48 9.50 1.12
CA THR A 32 -13.24 10.62 0.55
C THR A 32 -13.86 10.25 -0.80
N ARG A 33 -14.90 9.41 -0.77
CA ARG A 33 -15.62 8.91 -1.97
C ARG A 33 -16.15 10.05 -2.86
N PRO A 34 -16.36 9.82 -4.17
CA PRO A 34 -16.93 10.81 -5.09
C PRO A 34 -18.44 11.02 -4.90
N ARG A 35 -19.01 10.57 -3.77
CA ARG A 35 -20.39 10.80 -3.34
C ARG A 35 -20.79 12.29 -3.39
N TYR A 36 -19.79 13.17 -3.26
CA TYR A 36 -19.89 14.63 -3.39
C TYR A 36 -19.31 15.16 -4.72
N NH2 A 37 -18.13 14.73 -5.12
HN1 NH2 A 37 -17.58 14.10 -4.56
HN2 NH2 A 37 -17.79 15.09 -6.00
N ALA A 1 16.11 20.87 -1.72
CA ALA A 1 17.54 21.04 -2.10
C ALA A 1 17.84 20.39 -3.45
N PRO A 2 17.67 19.06 -3.63
CA PRO A 2 17.89 18.42 -4.93
C PRO A 2 16.80 18.83 -5.93
N LEU A 3 15.60 18.22 -5.85
CA LEU A 3 14.46 18.48 -6.75
C LEU A 3 13.16 17.83 -6.25
N GLU A 4 12.93 17.86 -4.92
CA GLU A 4 11.88 17.11 -4.22
C GLU A 4 11.74 15.66 -4.74
N PRO A 5 12.77 14.80 -4.55
CA PRO A 5 12.80 13.42 -5.03
C PRO A 5 11.91 12.50 -4.19
N VAL A 6 10.63 12.89 -4.04
CA VAL A 6 9.56 12.22 -3.30
C VAL A 6 10.04 11.83 -1.89
N TYR A 7 9.43 10.78 -1.31
CA TYR A 7 9.87 10.19 -0.05
C TYR A 7 10.38 8.77 -0.30
N PRO A 8 11.68 8.60 -0.66
CA PRO A 8 12.29 7.27 -0.80
C PRO A 8 12.54 6.63 0.58
N GLY A 9 12.94 5.36 0.56
CA GLY A 9 13.24 4.56 1.75
C GLY A 9 12.40 3.28 1.81
N ASP A 10 11.16 3.30 1.26
CA ASP A 10 10.36 2.09 1.08
C ASP A 10 11.10 1.03 0.25
N ASN A 11 10.77 -0.23 0.52
CA ASN A 11 11.37 -1.37 -0.16
C ASN A 11 10.44 -2.59 -0.04
N ALA A 12 9.74 -2.91 -1.12
CA ALA A 12 8.86 -4.05 -1.21
C ALA A 12 9.18 -4.89 -2.46
N THR A 13 8.37 -5.91 -2.71
CA THR A 13 8.57 -6.83 -3.84
C THR A 13 8.10 -6.18 -5.16
N PRO A 14 8.55 -6.67 -6.33
CA PRO A 14 8.15 -6.13 -7.62
C PRO A 14 6.65 -6.38 -7.93
N GLU A 15 5.97 -7.21 -7.14
CA GLU A 15 4.55 -7.52 -7.28
C GLU A 15 3.71 -7.05 -6.10
N GLN A 16 4.36 -6.61 -5.01
CA GLN A 16 3.72 -6.03 -3.83
C GLN A 16 3.79 -4.49 -3.83
N MET A 17 4.78 -3.89 -4.50
CA MET A 17 4.91 -2.45 -4.66
C MET A 17 3.79 -1.86 -5.49
N ALA A 18 3.46 -2.50 -6.62
CA ALA A 18 2.32 -2.11 -7.43
C ALA A 18 1.01 -2.22 -6.65
N ARG A 19 0.97 -3.10 -5.64
CA ARG A 19 -0.20 -3.31 -4.78
C ARG A 19 -0.29 -2.28 -3.66
N TYR A 20 0.82 -1.98 -2.97
CA TYR A 20 0.92 -0.95 -1.95
C TYR A 20 0.41 0.39 -2.48
N TYR A 21 0.88 0.78 -3.66
CA TYR A 21 0.46 2.02 -4.32
C TYR A 21 -1.01 1.98 -4.77
N SER A 22 -1.46 0.88 -5.39
CA SER A 22 -2.84 0.74 -5.83
C SER A 22 -3.82 0.74 -4.64
N ALA A 23 -3.44 0.11 -3.53
CA ALA A 23 -4.15 0.19 -2.26
C ALA A 23 -4.22 1.63 -1.77
N LEU A 24 -3.11 2.40 -1.86
CA LEU A 24 -3.16 3.82 -1.50
C LEU A 24 -4.22 4.57 -2.29
N ARG A 25 -4.27 4.39 -3.62
CA ARG A 25 -5.28 5.04 -4.47
C ARG A 25 -6.70 4.69 -4.00
N ARG A 26 -7.01 3.40 -3.86
CA ARG A 26 -8.32 2.92 -3.39
C ARG A 26 -8.65 3.46 -2.00
N TYR A 27 -7.68 3.39 -1.08
CA TYR A 27 -7.78 3.84 0.31
C TYR A 27 -8.04 5.33 0.41
N ILE A 28 -7.19 6.17 -0.20
CA ILE A 28 -7.36 7.63 -0.28
C ILE A 28 -8.73 7.99 -0.84
N ASN A 29 -9.17 7.29 -1.89
CA ASN A 29 -10.55 7.38 -2.38
C ASN A 29 -11.54 7.06 -1.26
N MET A 30 -11.51 5.86 -0.68
CA MET A 30 -12.40 5.46 0.41
C MET A 30 -12.35 6.40 1.63
N LEU A 31 -11.24 7.08 1.86
CA LEU A 31 -11.11 8.12 2.88
C LEU A 31 -11.85 9.42 2.51
N THR A 32 -12.05 9.68 1.21
CA THR A 32 -12.64 10.92 0.70
C THR A 32 -13.52 10.69 -0.54
N ARG A 33 -14.61 9.94 -0.36
CA ARG A 33 -15.66 9.65 -1.36
C ARG A 33 -16.91 8.99 -0.75
N PRO A 34 -16.80 7.85 -0.04
CA PRO A 34 -17.94 7.18 0.56
C PRO A 34 -18.41 7.94 1.80
N ARG A 35 -19.68 8.34 1.77
CA ARG A 35 -20.40 9.07 2.83
C ARG A 35 -21.88 9.25 2.50
N TYR A 36 -22.16 9.48 1.21
CA TYR A 36 -23.46 9.87 0.66
C TYR A 36 -23.57 9.36 -0.78
N NH2 A 37 -24.24 8.23 -1.00
HN1 NH2 A 37 -24.62 7.69 -0.25
HN2 NH2 A 37 -24.25 7.92 -1.95
N ALA A 1 4.10 -10.93 29.63
CA ALA A 1 4.84 -11.11 28.36
C ALA A 1 4.49 -9.98 27.40
N PRO A 2 5.27 -8.87 27.43
CA PRO A 2 5.07 -7.75 26.51
C PRO A 2 5.47 -8.14 25.08
N LEU A 3 4.97 -7.41 24.09
CA LEU A 3 5.28 -7.61 22.67
C LEU A 3 6.80 -7.54 22.43
N GLU A 4 7.34 -8.48 21.64
CA GLU A 4 8.77 -8.54 21.31
C GLU A 4 9.10 -7.87 19.96
N PRO A 5 10.39 -7.54 19.73
CA PRO A 5 10.85 -6.90 18.50
C PRO A 5 10.91 -7.90 17.33
N VAL A 6 10.03 -7.70 16.34
CA VAL A 6 9.90 -8.54 15.15
C VAL A 6 10.11 -7.67 13.91
N TYR A 7 10.74 -8.23 12.88
CA TYR A 7 11.03 -7.57 11.62
C TYR A 7 10.69 -8.48 10.42
N PRO A 8 10.45 -7.93 9.24
CA PRO A 8 10.28 -8.72 8.02
C PRO A 8 11.60 -9.30 7.48
N GLY A 9 12.74 -8.85 8.00
CA GLY A 9 14.09 -9.34 7.68
C GLY A 9 14.43 -9.28 6.19
N ASP A 10 14.18 -8.12 5.58
CA ASP A 10 14.36 -7.79 4.16
C ASP A 10 13.40 -8.62 3.25
N ASN A 11 12.18 -8.11 3.04
CA ASN A 11 11.14 -8.82 2.31
C ASN A 11 10.22 -7.85 1.53
N ALA A 12 10.52 -7.64 0.25
CA ALA A 12 9.77 -6.80 -0.67
C ALA A 12 9.86 -7.35 -2.10
N THR A 13 8.96 -6.90 -3.00
CA THR A 13 8.93 -7.33 -4.41
C THR A 13 8.18 -6.32 -5.28
N PRO A 14 8.37 -6.32 -6.62
CA PRO A 14 7.74 -5.36 -7.53
C PRO A 14 6.23 -5.60 -7.70
N GLU A 15 5.81 -6.86 -7.79
CA GLU A 15 4.40 -7.28 -7.90
C GLU A 15 3.58 -6.89 -6.66
N GLN A 16 4.24 -6.74 -5.51
CA GLN A 16 3.65 -6.24 -4.26
C GLN A 16 3.73 -4.71 -4.14
N MET A 17 4.69 -4.07 -4.84
CA MET A 17 4.87 -2.62 -4.84
C MET A 17 3.74 -1.93 -5.60
N ALA A 18 3.38 -2.46 -6.78
CA ALA A 18 2.21 -1.98 -7.52
C ALA A 18 0.92 -2.10 -6.71
N ARG A 19 0.86 -3.08 -5.79
CA ARG A 19 -0.25 -3.27 -4.86
C ARG A 19 -0.26 -2.26 -3.72
N TYR A 20 0.87 -2.03 -3.05
CA TYR A 20 1.03 -1.03 -2.00
C TYR A 20 0.49 0.34 -2.45
N TYR A 21 0.88 0.77 -3.66
CA TYR A 21 0.45 2.04 -4.24
C TYR A 21 -1.02 2.03 -4.67
N SER A 22 -1.49 0.93 -5.28
CA SER A 22 -2.91 0.75 -5.64
C SER A 22 -3.82 0.79 -4.41
N ALA A 23 -3.39 0.15 -3.32
CA ALA A 23 -4.10 0.22 -2.05
C ALA A 23 -4.15 1.66 -1.54
N LEU A 24 -3.07 2.43 -1.67
CA LEU A 24 -3.07 3.86 -1.36
C LEU A 24 -4.14 4.61 -2.16
N ARG A 25 -4.17 4.41 -3.48
CA ARG A 25 -5.20 5.03 -4.34
C ARG A 25 -6.61 4.69 -3.84
N ARG A 26 -6.89 3.40 -3.64
CA ARG A 26 -8.20 2.94 -3.16
C ARG A 26 -8.53 3.50 -1.78
N TYR A 27 -7.60 3.41 -0.82
CA TYR A 27 -7.69 3.92 0.53
C TYR A 27 -7.98 5.42 0.55
N ILE A 28 -7.31 6.20 -0.32
CA ILE A 28 -7.52 7.64 -0.47
C ILE A 28 -8.89 7.93 -1.12
N ASN A 29 -9.25 7.18 -2.17
CA ASN A 29 -10.58 7.25 -2.78
C ASN A 29 -11.69 6.87 -1.78
N MET A 30 -11.41 5.98 -0.82
CA MET A 30 -12.33 5.53 0.22
C MET A 30 -12.33 6.41 1.49
N LEU A 31 -11.23 7.13 1.76
CA LEU A 31 -11.12 8.08 2.87
C LEU A 31 -12.09 9.25 2.65
N THR A 32 -11.98 9.89 1.48
CA THR A 32 -12.81 11.05 1.12
C THR A 32 -14.06 10.63 0.31
N ARG A 33 -14.33 9.32 0.17
CA ARG A 33 -15.56 8.76 -0.43
C ARG A 33 -16.86 9.33 0.15
N PRO A 34 -17.04 9.39 1.48
CA PRO A 34 -18.21 10.01 2.10
C PRO A 34 -18.12 11.55 2.17
N ARG A 35 -17.10 12.14 1.52
CA ARG A 35 -16.85 13.58 1.41
C ARG A 35 -16.61 14.24 2.77
N TYR A 36 -15.42 14.00 3.33
CA TYR A 36 -15.06 14.46 4.68
C TYR A 36 -13.58 14.85 4.75
N NH2 A 37 -13.24 15.93 5.43
HN1 NH2 A 37 -13.93 16.57 5.81
HN2 NH2 A 37 -12.26 16.11 5.48
N ALA A 1 1.16 10.62 18.50
CA ALA A 1 1.77 11.78 17.84
C ALA A 1 2.47 11.38 16.52
N PRO A 2 3.51 10.52 16.52
CA PRO A 2 4.20 10.15 15.28
C PRO A 2 3.33 9.28 14.35
N LEU A 3 2.45 8.44 14.93
CA LEU A 3 1.58 7.45 14.28
C LEU A 3 2.39 6.38 13.53
N GLU A 4 2.30 5.13 13.98
CA GLU A 4 3.07 4.00 13.48
C GLU A 4 4.58 4.34 13.29
N PRO A 5 5.30 4.56 14.42
CA PRO A 5 6.70 5.00 14.40
C PRO A 5 7.65 3.86 13.96
N VAL A 6 7.71 3.67 12.63
CA VAL A 6 8.52 2.65 11.95
C VAL A 6 9.23 3.29 10.76
N TYR A 7 10.36 2.68 10.37
CA TYR A 7 11.22 3.11 9.29
C TYR A 7 11.41 1.97 8.27
N PRO A 8 11.65 2.28 6.98
CA PRO A 8 11.94 1.27 5.96
C PRO A 8 13.35 0.69 6.17
N GLY A 9 13.46 -0.64 6.13
CA GLY A 9 14.71 -1.37 6.36
C GLY A 9 14.88 -2.57 5.43
N ASP A 10 14.76 -2.33 4.11
CA ASP A 10 14.84 -3.32 3.02
C ASP A 10 13.78 -4.44 3.15
N ASN A 11 12.57 -4.15 2.62
CA ASN A 11 11.44 -5.08 2.62
C ASN A 11 10.37 -4.60 1.61
N ALA A 12 10.50 -4.99 0.35
CA ALA A 12 9.50 -4.75 -0.68
C ALA A 12 9.73 -5.66 -1.89
N THR A 13 8.72 -5.78 -2.76
CA THR A 13 8.75 -6.64 -3.94
C THR A 13 7.95 -6.01 -5.08
N PRO A 14 8.21 -6.37 -6.36
CA PRO A 14 7.45 -5.84 -7.50
C PRO A 14 6.00 -6.34 -7.54
N GLU A 15 5.60 -7.24 -6.64
CA GLU A 15 4.22 -7.74 -6.52
C GLU A 15 3.48 -7.15 -5.30
N GLN A 16 4.23 -6.61 -4.33
CA GLN A 16 3.70 -5.98 -3.13
C GLN A 16 3.66 -4.44 -3.29
N MET A 17 4.63 -3.84 -3.99
CA MET A 17 4.71 -2.41 -4.27
C MET A 17 3.62 -1.98 -5.26
N ALA A 18 3.37 -2.79 -6.30
CA ALA A 18 2.27 -2.53 -7.21
C ALA A 18 0.91 -2.60 -6.50
N ARG A 19 0.82 -3.44 -5.47
CA ARG A 19 -0.38 -3.55 -4.62
C ARG A 19 -0.47 -2.49 -3.53
N TYR A 20 0.65 -1.89 -3.12
CA TYR A 20 0.74 -0.77 -2.20
C TYR A 20 0.23 0.51 -2.85
N TYR A 21 0.82 0.91 -3.96
CA TYR A 21 0.45 2.14 -4.66
C TYR A 21 -1.03 2.18 -5.08
N SER A 22 -1.52 1.08 -5.67
CA SER A 22 -2.94 0.92 -6.00
C SER A 22 -3.83 0.95 -4.76
N ALA A 23 -3.41 0.29 -3.67
CA ALA A 23 -4.11 0.38 -2.41
C ALA A 23 -4.10 1.80 -1.84
N LEU A 24 -3.01 2.56 -1.95
CA LEU A 24 -2.94 3.97 -1.56
C LEU A 24 -4.00 4.78 -2.30
N ARG A 25 -4.14 4.58 -3.62
CA ARG A 25 -5.19 5.24 -4.41
C ARG A 25 -6.58 4.88 -3.88
N ARG A 26 -6.90 3.59 -3.77
CA ARG A 26 -8.20 3.14 -3.26
C ARG A 26 -8.44 3.63 -1.83
N TYR A 27 -7.44 3.52 -0.96
CA TYR A 27 -7.47 4.00 0.42
C TYR A 27 -7.83 5.48 0.49
N ILE A 28 -7.17 6.34 -0.30
CA ILE A 28 -7.48 7.77 -0.34
C ILE A 28 -8.90 7.99 -0.91
N ASN A 29 -9.23 7.34 -2.03
CA ASN A 29 -10.57 7.41 -2.65
C ASN A 29 -11.68 6.77 -1.79
N MET A 30 -11.31 6.01 -0.75
CA MET A 30 -12.21 5.33 0.19
C MET A 30 -12.26 6.05 1.54
N LEU A 31 -11.19 6.74 1.95
CA LEU A 31 -11.07 7.49 3.20
C LEU A 31 -12.24 8.46 3.32
N THR A 32 -12.34 9.35 2.33
CA THR A 32 -13.44 10.33 2.31
C THR A 32 -14.76 9.65 1.97
N ARG A 33 -14.68 8.50 1.27
CA ARG A 33 -15.74 7.71 0.65
C ARG A 33 -16.50 8.53 -0.42
N PRO A 34 -16.93 7.95 -1.55
CA PRO A 34 -17.85 8.61 -2.47
C PRO A 34 -19.28 8.63 -1.87
N ARG A 35 -19.43 9.27 -0.70
CA ARG A 35 -20.72 9.56 -0.06
C ARG A 35 -21.51 10.66 -0.82
N TYR A 36 -20.83 11.37 -1.72
CA TYR A 36 -21.40 12.42 -2.57
C TYR A 36 -22.10 11.83 -3.81
N NH2 A 37 -23.18 12.43 -4.27
HN1 NH2 A 37 -23.56 13.27 -3.85
HN2 NH2 A 37 -23.63 11.99 -5.06
N ALA A 1 12.29 15.05 7.29
CA ALA A 1 11.02 14.30 7.17
C ALA A 1 10.89 13.35 8.36
N PRO A 2 9.69 12.81 8.68
CA PRO A 2 9.50 11.85 9.78
C PRO A 2 9.76 10.38 9.37
N LEU A 3 9.38 10.02 8.14
CA LEU A 3 9.58 8.71 7.55
C LEU A 3 10.55 8.85 6.36
N GLU A 4 11.84 8.60 6.59
CA GLU A 4 12.87 8.64 5.55
C GLU A 4 13.64 7.32 5.41
N PRO A 5 14.22 7.03 4.22
CA PRO A 5 15.04 5.85 4.01
C PRO A 5 16.45 6.01 4.59
N VAL A 6 16.80 5.15 5.55
CA VAL A 6 18.13 5.11 6.15
C VAL A 6 19.13 4.27 5.33
N TYR A 7 18.61 3.40 4.45
CA TYR A 7 19.38 2.42 3.66
C TYR A 7 18.56 1.86 2.48
N PRO A 8 18.47 2.55 1.34
CA PRO A 8 17.72 2.08 0.17
C PRO A 8 18.43 0.93 -0.55
N GLY A 9 17.94 -0.30 -0.32
CA GLY A 9 18.50 -1.53 -0.89
C GLY A 9 17.49 -2.67 -0.92
N ASP A 10 16.54 -2.63 -1.87
CA ASP A 10 15.45 -3.58 -2.09
C ASP A 10 14.65 -3.92 -0.79
N ASN A 11 13.74 -3.03 -0.41
CA ASN A 11 12.90 -3.16 0.79
C ASN A 11 11.76 -4.18 0.59
N ALA A 12 10.61 -3.70 0.13
CA ALA A 12 9.44 -4.51 -0.17
C ALA A 12 9.51 -5.06 -1.60
N THR A 13 8.87 -6.21 -1.84
CA THR A 13 8.87 -6.87 -3.15
C THR A 13 8.07 -6.07 -4.20
N PRO A 14 8.33 -6.27 -5.51
CA PRO A 14 7.69 -5.50 -6.58
C PRO A 14 6.19 -5.84 -6.74
N GLU A 15 5.84 -7.12 -6.63
CA GLU A 15 4.46 -7.64 -6.69
C GLU A 15 3.60 -7.08 -5.55
N GLN A 16 4.23 -6.76 -4.41
CA GLN A 16 3.58 -6.09 -3.27
C GLN A 16 3.57 -4.56 -3.44
N MET A 17 4.49 -3.99 -4.21
CA MET A 17 4.62 -2.54 -4.47
C MET A 17 3.50 -2.06 -5.41
N ALA A 18 3.23 -2.82 -6.47
CA ALA A 18 2.10 -2.52 -7.34
C ALA A 18 0.77 -2.55 -6.59
N ARG A 19 0.66 -3.43 -5.58
CA ARG A 19 -0.48 -3.50 -4.68
C ARG A 19 -0.48 -2.36 -3.66
N TYR A 20 0.67 -1.95 -3.14
CA TYR A 20 0.84 -0.84 -2.20
C TYR A 20 0.35 0.48 -2.79
N TYR A 21 0.87 0.86 -3.95
CA TYR A 21 0.51 2.12 -4.61
C TYR A 21 -0.99 2.18 -4.98
N SER A 22 -1.50 1.08 -5.53
CA SER A 22 -2.93 0.96 -5.82
C SER A 22 -3.78 1.01 -4.56
N ALA A 23 -3.33 0.34 -3.48
CA ALA A 23 -3.97 0.43 -2.18
C ALA A 23 -3.96 1.86 -1.65
N LEU A 24 -2.87 2.63 -1.79
CA LEU A 24 -2.84 4.05 -1.44
C LEU A 24 -3.93 4.81 -2.21
N ARG A 25 -3.97 4.67 -3.55
CA ARG A 25 -4.99 5.35 -4.37
C ARG A 25 -6.40 5.00 -3.88
N ARG A 26 -6.67 3.70 -3.69
CA ARG A 26 -7.97 3.23 -3.23
C ARG A 26 -8.27 3.70 -1.82
N TYR A 27 -7.32 3.62 -0.89
CA TYR A 27 -7.40 4.08 0.50
C TYR A 27 -7.74 5.57 0.53
N ILE A 28 -7.14 6.39 -0.32
CA ILE A 28 -7.49 7.81 -0.42
C ILE A 28 -8.89 7.99 -1.03
N ASN A 29 -9.31 7.13 -1.96
CA ASN A 29 -10.65 7.15 -2.55
C ASN A 29 -11.75 6.70 -1.55
N MET A 30 -11.54 5.62 -0.81
CA MET A 30 -12.45 5.09 0.21
C MET A 30 -12.52 5.95 1.47
N LEU A 31 -11.40 6.57 1.89
CA LEU A 31 -11.39 7.55 2.98
C LEU A 31 -12.21 8.81 2.67
N THR A 32 -12.44 9.08 1.38
CA THR A 32 -13.21 10.23 0.86
C THR A 32 -14.38 9.75 0.00
N ARG A 33 -14.83 8.49 0.18
CA ARG A 33 -16.06 7.95 -0.43
C ARG A 33 -17.31 8.63 0.12
N PRO A 34 -17.55 8.62 1.45
CA PRO A 34 -18.73 9.26 2.02
C PRO A 34 -18.55 10.78 2.00
N ARG A 35 -19.67 11.52 1.91
CA ARG A 35 -19.73 12.99 1.78
C ARG A 35 -18.93 13.53 0.58
N TYR A 36 -19.40 13.22 -0.63
CA TYR A 36 -18.79 13.61 -1.89
C TYR A 36 -19.82 13.65 -3.03
N NH2 A 37 -19.81 14.68 -3.88
HN1 NH2 A 37 -19.15 15.41 -3.82
HN2 NH2 A 37 -20.50 14.63 -4.62
N ALA A 1 20.21 -9.99 -11.75
CA ALA A 1 18.78 -9.86 -11.40
C ALA A 1 18.21 -11.22 -10.98
N PRO A 2 18.47 -11.67 -9.74
CA PRO A 2 18.00 -12.95 -9.24
C PRO A 2 16.50 -12.90 -8.86
N LEU A 3 15.81 -14.05 -8.92
CA LEU A 3 14.36 -14.18 -8.71
C LEU A 3 14.00 -15.12 -7.54
N GLU A 4 14.27 -14.67 -6.31
CA GLU A 4 14.12 -15.42 -5.04
C GLU A 4 14.69 -14.59 -3.87
N PRO A 5 15.96 -14.12 -3.91
CA PRO A 5 16.54 -13.29 -2.87
C PRO A 5 16.05 -11.84 -2.97
N VAL A 6 14.75 -11.67 -2.77
CA VAL A 6 14.01 -10.40 -2.72
C VAL A 6 13.49 -10.08 -1.32
N TYR A 7 13.57 -11.04 -0.38
CA TYR A 7 13.13 -10.91 1.02
C TYR A 7 11.66 -10.44 1.12
N PRO A 8 10.68 -11.36 1.02
CA PRO A 8 9.28 -10.99 1.13
C PRO A 8 8.93 -10.54 2.56
N GLY A 9 8.02 -9.57 2.67
CA GLY A 9 7.57 -8.98 3.94
C GLY A 9 7.22 -7.50 3.78
N ASP A 10 8.25 -6.67 3.57
CA ASP A 10 8.15 -5.22 3.39
C ASP A 10 9.02 -4.77 2.22
N ASN A 11 8.43 -4.04 1.26
CA ASN A 11 9.10 -3.46 0.07
C ASN A 11 9.90 -4.48 -0.77
N ALA A 12 9.18 -5.37 -1.45
CA ALA A 12 9.76 -6.45 -2.24
C ALA A 12 8.74 -6.84 -3.32
N THR A 13 9.23 -7.41 -4.44
CA THR A 13 8.50 -7.84 -5.65
C THR A 13 7.58 -6.76 -6.28
N PRO A 14 7.51 -6.67 -7.63
CA PRO A 14 6.64 -5.68 -8.25
C PRO A 14 5.16 -5.98 -7.99
N GLU A 15 4.80 -7.24 -7.65
CA GLU A 15 3.41 -7.63 -7.37
C GLU A 15 2.91 -7.12 -6.02
N GLN A 16 3.82 -6.72 -5.13
CA GLN A 16 3.49 -6.12 -3.83
C GLN A 16 3.70 -4.60 -3.88
N MET A 17 4.71 -4.12 -4.60
CA MET A 17 4.99 -2.69 -4.78
C MET A 17 3.90 -2.01 -5.61
N ALA A 18 3.43 -2.68 -6.69
CA ALA A 18 2.31 -2.16 -7.46
C ALA A 18 0.99 -2.22 -6.68
N ARG A 19 0.89 -3.15 -5.71
CA ARG A 19 -0.28 -3.29 -4.84
C ARG A 19 -0.31 -2.22 -3.75
N TYR A 20 0.81 -2.01 -3.03
CA TYR A 20 0.96 -0.99 -1.99
C TYR A 20 0.49 0.37 -2.49
N TYR A 21 0.94 0.78 -3.67
CA TYR A 21 0.53 2.03 -4.32
C TYR A 21 -0.94 2.02 -4.75
N SER A 22 -1.43 0.94 -5.38
CA SER A 22 -2.83 0.82 -5.80
C SER A 22 -3.79 0.85 -4.60
N ALA A 23 -3.38 0.21 -3.50
CA ALA A 23 -4.09 0.24 -2.24
C ALA A 23 -4.15 1.66 -1.68
N LEU A 24 -3.05 2.44 -1.77
CA LEU A 24 -3.06 3.85 -1.42
C LEU A 24 -4.12 4.62 -2.21
N ARG A 25 -4.19 4.46 -3.54
CA ARG A 25 -5.20 5.11 -4.37
C ARG A 25 -6.62 4.79 -3.91
N ARG A 26 -6.93 3.50 -3.74
CA ARG A 26 -8.25 3.06 -3.26
C ARG A 26 -8.52 3.57 -1.85
N TYR A 27 -7.57 3.45 -0.93
CA TYR A 27 -7.64 3.91 0.45
C TYR A 27 -7.97 5.39 0.54
N ILE A 28 -7.26 6.24 -0.22
CA ILE A 28 -7.55 7.66 -0.35
C ILE A 28 -8.96 7.87 -0.92
N ASN A 29 -9.34 7.16 -1.99
CA ASN A 29 -10.71 7.22 -2.54
C ASN A 29 -11.77 6.90 -1.46
N MET A 30 -11.53 5.85 -0.68
CA MET A 30 -12.39 5.41 0.42
C MET A 30 -12.42 6.42 1.57
N LEU A 31 -11.31 7.11 1.86
CA LEU A 31 -11.25 8.18 2.85
C LEU A 31 -12.07 9.41 2.44
N THR A 32 -12.26 9.63 1.13
CA THR A 32 -13.11 10.69 0.57
C THR A 32 -14.58 10.23 0.42
N ARG A 33 -15.01 9.10 1.02
CA ARG A 33 -16.41 8.66 1.03
C ARG A 33 -17.40 9.74 1.52
N PRO A 34 -17.21 10.32 2.72
CA PRO A 34 -18.09 11.36 3.23
C PRO A 34 -17.84 12.73 2.58
N ARG A 35 -17.10 12.77 1.46
CA ARG A 35 -16.67 13.96 0.71
C ARG A 35 -15.58 14.78 1.40
N TYR A 36 -15.25 14.44 2.64
CA TYR A 36 -14.23 15.08 3.48
C TYR A 36 -14.46 16.59 3.65
N NH2 A 37 -15.47 16.97 4.42
HN1 NH2 A 37 -16.08 16.31 4.85
HN2 NH2 A 37 -15.61 17.96 4.47
N ALA A 1 -9.17 -10.83 15.92
CA ALA A 1 -10.47 -10.26 15.46
C ALA A 1 -10.36 -8.77 15.05
N PRO A 2 -10.05 -7.82 15.95
CA PRO A 2 -10.00 -6.41 15.60
C PRO A 2 -8.79 -6.09 14.71
N LEU A 3 -7.58 -6.43 15.16
CA LEU A 3 -6.33 -6.27 14.44
C LEU A 3 -5.28 -7.20 15.09
N GLU A 4 -4.35 -7.72 14.28
CA GLU A 4 -3.31 -8.74 14.57
C GLU A 4 -2.87 -9.44 13.27
N PRO A 5 -3.75 -10.16 12.56
CA PRO A 5 -3.36 -10.91 11.36
C PRO A 5 -3.14 -9.95 10.18
N VAL A 6 -1.90 -9.88 9.70
CA VAL A 6 -1.42 -9.00 8.62
C VAL A 6 -1.43 -7.53 9.07
N TYR A 7 -0.50 -6.73 8.55
CA TYR A 7 -0.30 -5.34 8.96
C TYR A 7 0.18 -4.48 7.77
N PRO A 8 -0.09 -3.17 7.78
CA PRO A 8 0.42 -2.24 6.76
C PRO A 8 1.90 -1.90 7.00
N GLY A 9 2.55 -1.31 5.98
CA GLY A 9 3.96 -0.93 6.01
C GLY A 9 4.88 -2.07 5.59
N ASP A 10 5.16 -2.16 4.28
CA ASP A 10 6.04 -3.15 3.65
C ASP A 10 6.66 -2.54 2.38
N ASN A 11 7.87 -3.01 2.01
CA ASN A 11 8.59 -2.59 0.81
C ASN A 11 9.49 -3.74 0.31
N ALA A 12 8.93 -4.64 -0.49
CA ALA A 12 9.62 -5.73 -1.17
C ALA A 12 8.70 -6.27 -2.26
N THR A 13 9.25 -6.94 -3.29
CA THR A 13 8.57 -7.56 -4.44
C THR A 13 7.61 -6.63 -5.24
N PRO A 14 7.55 -6.71 -6.59
CA PRO A 14 6.62 -5.88 -7.34
C PRO A 14 5.16 -6.24 -7.06
N GLU A 15 4.88 -7.46 -6.57
CA GLU A 15 3.53 -7.93 -6.26
C GLU A 15 2.93 -7.28 -4.99
N GLN A 16 3.80 -6.77 -4.11
CA GLN A 16 3.41 -6.01 -2.91
C GLN A 16 3.48 -4.51 -3.19
N MET A 17 4.46 -4.05 -3.97
CA MET A 17 4.65 -2.63 -4.31
C MET A 17 3.58 -2.13 -5.29
N ALA A 18 3.21 -2.95 -6.29
CA ALA A 18 2.12 -2.61 -7.20
C ALA A 18 0.78 -2.59 -6.46
N ARG A 19 0.64 -3.45 -5.44
CA ARG A 19 -0.54 -3.44 -4.58
C ARG A 19 -0.53 -2.25 -3.63
N TYR A 20 0.62 -1.86 -3.08
CA TYR A 20 0.81 -0.74 -2.15
C TYR A 20 0.35 0.57 -2.80
N TYR A 21 0.94 0.91 -3.96
CA TYR A 21 0.64 2.16 -4.66
C TYR A 21 -0.85 2.24 -5.02
N SER A 22 -1.39 1.17 -5.62
CA SER A 22 -2.79 1.10 -6.00
C SER A 22 -3.71 1.11 -4.78
N ALA A 23 -3.35 0.40 -3.72
CA ALA A 23 -4.04 0.43 -2.45
C ALA A 23 -4.05 1.84 -1.87
N LEU A 24 -2.93 2.58 -1.88
CA LEU A 24 -2.88 3.98 -1.45
C LEU A 24 -3.92 4.80 -2.21
N ARG A 25 -3.98 4.68 -3.54
CA ARG A 25 -4.96 5.40 -4.35
C ARG A 25 -6.40 5.04 -3.95
N ARG A 26 -6.71 3.74 -3.89
CA ARG A 26 -8.04 3.27 -3.52
C ARG A 26 -8.40 3.61 -2.06
N TYR A 27 -7.43 3.54 -1.16
CA TYR A 27 -7.48 3.93 0.25
C TYR A 27 -7.87 5.39 0.41
N ILE A 28 -7.27 6.30 -0.37
CA ILE A 28 -7.70 7.71 -0.41
C ILE A 28 -9.15 7.83 -0.88
N ASN A 29 -9.50 7.18 -1.99
CA ASN A 29 -10.89 7.20 -2.48
C ASN A 29 -11.86 6.62 -1.43
N MET A 30 -11.44 5.63 -0.63
CA MET A 30 -12.18 5.05 0.49
C MET A 30 -12.26 5.96 1.73
N LEU A 31 -11.19 6.68 2.05
CA LEU A 31 -11.14 7.66 3.13
C LEU A 31 -11.98 8.92 2.82
N THR A 32 -12.20 9.21 1.53
CA THR A 32 -13.03 10.33 1.06
C THR A 32 -14.39 9.90 0.50
N ARG A 33 -14.64 8.58 0.39
CA ARG A 33 -15.90 7.93 -0.02
C ARG A 33 -17.09 8.39 0.83
N PRO A 34 -17.02 8.33 2.18
CA PRO A 34 -18.09 8.81 3.05
C PRO A 34 -18.06 10.33 3.14
N ARG A 35 -18.97 10.99 2.41
CA ARG A 35 -19.16 12.45 2.36
C ARG A 35 -20.55 12.77 1.82
N TYR A 36 -21.53 12.80 2.72
CA TYR A 36 -22.93 13.10 2.40
C TYR A 36 -23.52 14.13 3.37
N NH2 A 37 -24.61 14.79 3.00
HN1 NH2 A 37 -25.03 14.64 2.09
HN2 NH2 A 37 -24.92 15.50 3.64
N ALA A 1 7.99 -10.19 19.37
CA ALA A 1 9.40 -10.45 19.04
C ALA A 1 9.64 -10.37 17.52
N PRO A 2 9.01 -11.21 16.67
CA PRO A 2 9.22 -11.14 15.22
C PRO A 2 8.49 -9.94 14.59
N LEU A 3 7.19 -9.80 14.84
CA LEU A 3 6.37 -8.67 14.42
C LEU A 3 6.63 -7.47 15.34
N GLU A 4 7.71 -6.75 15.10
CA GLU A 4 8.04 -5.51 15.82
C GLU A 4 7.47 -4.25 15.14
N PRO A 5 7.16 -3.18 15.91
CA PRO A 5 6.63 -1.93 15.38
C PRO A 5 7.73 -1.09 14.75
N VAL A 6 7.94 -1.26 13.45
CA VAL A 6 8.86 -0.51 12.61
C VAL A 6 8.38 -0.58 11.16
N TYR A 7 8.99 0.20 10.25
CA TYR A 7 8.80 0.20 8.79
C TYR A 7 8.56 -1.23 8.24
N PRO A 8 7.29 -1.65 8.02
CA PRO A 8 6.99 -3.00 7.53
C PRO A 8 7.16 -3.12 6.01
N GLY A 9 7.36 -1.99 5.33
CA GLY A 9 7.70 -1.91 3.90
C GLY A 9 9.21 -1.78 3.73
N ASP A 10 9.66 -0.61 3.25
CA ASP A 10 11.07 -0.29 2.97
C ASP A 10 11.70 -1.25 1.94
N ASN A 11 11.65 -0.89 0.64
CA ASN A 11 12.03 -1.76 -0.48
C ASN A 11 11.20 -3.07 -0.53
N ALA A 12 10.12 -3.07 -1.32
CA ALA A 12 9.29 -4.25 -1.52
C ALA A 12 9.44 -4.83 -2.93
N THR A 13 8.78 -5.96 -3.16
CA THR A 13 8.84 -6.71 -4.42
C THR A 13 8.02 -6.01 -5.51
N PRO A 14 8.28 -6.28 -6.81
CA PRO A 14 7.52 -5.67 -7.91
C PRO A 14 6.06 -6.15 -7.96
N GLU A 15 5.69 -7.17 -7.16
CA GLU A 15 4.34 -7.71 -7.05
C GLU A 15 3.63 -7.27 -5.76
N GLN A 16 4.36 -6.67 -4.80
CA GLN A 16 3.82 -6.17 -3.54
C GLN A 16 3.78 -4.62 -3.53
N MET A 17 4.72 -3.96 -4.23
CA MET A 17 4.76 -2.52 -4.41
C MET A 17 3.66 -2.03 -5.34
N ALA A 18 3.39 -2.77 -6.43
CA ALA A 18 2.30 -2.40 -7.33
C ALA A 18 0.95 -2.50 -6.64
N ARG A 19 0.84 -3.42 -5.67
CA ARG A 19 -0.36 -3.63 -4.85
C ARG A 19 -0.47 -2.57 -3.76
N TYR A 20 0.65 -2.13 -3.18
CA TYR A 20 0.75 -1.06 -2.19
C TYR A 20 0.29 0.30 -2.73
N TYR A 21 0.91 0.77 -3.82
CA TYR A 21 0.55 2.03 -4.47
C TYR A 21 -0.94 2.09 -4.83
N SER A 22 -1.47 1.02 -5.44
CA SER A 22 -2.88 0.90 -5.80
C SER A 22 -3.77 0.97 -4.56
N ALA A 23 -3.35 0.33 -3.46
CA ALA A 23 -4.02 0.45 -2.18
C ALA A 23 -4.03 1.89 -1.69
N LEU A 24 -2.98 2.69 -1.90
CA LEU A 24 -2.97 4.10 -1.55
C LEU A 24 -4.07 4.85 -2.33
N ARG A 25 -4.08 4.73 -3.67
CA ARG A 25 -5.09 5.39 -4.50
C ARG A 25 -6.51 5.03 -4.04
N ARG A 26 -6.74 3.75 -3.72
CA ARG A 26 -8.01 3.26 -3.23
C ARG A 26 -8.32 3.76 -1.82
N TYR A 27 -7.40 3.59 -0.87
CA TYR A 27 -7.47 4.05 0.51
C TYR A 27 -7.78 5.54 0.59
N ILE A 28 -7.32 6.35 -0.37
CA ILE A 28 -7.69 7.75 -0.49
C ILE A 28 -9.11 7.91 -1.05
N ASN A 29 -9.48 7.16 -2.09
CA ASN A 29 -10.83 7.15 -2.69
C ASN A 29 -11.92 6.68 -1.70
N MET A 30 -11.56 5.83 -0.73
CA MET A 30 -12.44 5.33 0.32
C MET A 30 -12.37 6.14 1.61
N LEU A 31 -11.23 6.78 1.92
CA LEU A 31 -11.01 7.63 3.09
C LEU A 31 -12.06 8.73 3.13
N THR A 32 -12.09 9.51 2.04
CA THR A 32 -13.02 10.63 1.92
C THR A 32 -14.46 10.15 1.76
N ARG A 33 -14.61 8.86 1.41
CA ARG A 33 -15.82 8.10 1.09
C ARG A 33 -16.50 8.67 -0.17
N PRO A 34 -17.13 7.82 -1.01
CA PRO A 34 -18.02 8.31 -2.06
C PRO A 34 -19.36 8.83 -1.45
N ARG A 35 -19.27 9.84 -0.57
CA ARG A 35 -20.41 10.59 -0.03
C ARG A 35 -21.03 11.49 -1.11
N TYR A 36 -20.27 11.82 -2.15
CA TYR A 36 -20.69 12.62 -3.30
C TYR A 36 -21.45 11.79 -4.35
N NH2 A 37 -22.27 12.42 -5.17
HN1 NH2 A 37 -22.42 13.41 -5.12
HN2 NH2 A 37 -22.75 11.84 -5.84
N ALA A 1 -0.87 1.40 19.04
CA ALA A 1 0.56 1.17 19.38
C ALA A 1 1.09 -0.20 18.94
N PRO A 2 0.54 -1.35 19.41
CA PRO A 2 0.97 -2.69 18.95
C PRO A 2 0.43 -3.07 17.56
N LEU A 3 -0.46 -2.25 17.00
CA LEU A 3 -0.96 -2.39 15.64
C LEU A 3 0.14 -1.97 14.63
N GLU A 4 0.11 -2.56 13.43
CA GLU A 4 1.11 -2.38 12.37
C GLU A 4 2.46 -3.04 12.73
N PRO A 5 2.63 -4.36 12.53
CA PRO A 5 3.86 -5.07 12.82
C PRO A 5 4.97 -4.72 11.83
N VAL A 6 5.96 -3.94 12.29
CA VAL A 6 7.11 -3.49 11.52
C VAL A 6 8.15 -4.62 11.44
N TYR A 7 8.51 -5.03 10.21
CA TYR A 7 9.46 -6.13 9.97
C TYR A 7 10.77 -5.59 9.38
N PRO A 8 11.92 -6.29 9.59
CA PRO A 8 13.21 -5.94 8.98
C PRO A 8 13.22 -6.32 7.48
N GLY A 9 12.32 -5.71 6.74
CA GLY A 9 12.13 -5.81 5.29
C GLY A 9 11.23 -4.67 4.85
N ASP A 10 9.95 -4.97 4.59
CA ASP A 10 9.00 -4.13 3.84
C ASP A 10 9.51 -3.80 2.41
N ASN A 11 8.62 -3.36 1.51
CA ASN A 11 8.97 -2.97 0.15
C ASN A 11 9.87 -3.96 -0.62
N ALA A 12 9.26 -4.97 -1.23
CA ALA A 12 9.94 -5.94 -2.07
C ALA A 12 8.99 -6.38 -3.17
N THR A 13 9.53 -6.90 -4.28
CA THR A 13 8.84 -7.39 -5.50
C THR A 13 7.85 -6.39 -6.16
N PRO A 14 7.80 -6.32 -7.51
CA PRO A 14 6.85 -5.41 -8.15
C PRO A 14 5.40 -5.84 -7.89
N GLU A 15 5.14 -7.11 -7.54
CA GLU A 15 3.79 -7.64 -7.27
C GLU A 15 3.26 -7.23 -5.88
N GLN A 16 4.12 -6.70 -5.01
CA GLN A 16 3.73 -6.10 -3.74
C GLN A 16 3.76 -4.57 -3.83
N MET A 17 4.74 -4.00 -4.54
CA MET A 17 4.90 -2.56 -4.71
C MET A 17 3.77 -1.98 -5.56
N ALA A 18 3.40 -2.64 -6.66
CA ALA A 18 2.25 -2.22 -7.46
C ALA A 18 0.93 -2.33 -6.68
N ARG A 19 0.88 -3.26 -5.71
CA ARG A 19 -0.31 -3.48 -4.89
C ARG A 19 -0.45 -2.45 -3.78
N TYR A 20 0.65 -2.16 -3.06
CA TYR A 20 0.74 -1.12 -2.03
C TYR A 20 0.31 0.25 -2.59
N TYR A 21 0.84 0.64 -3.75
CA TYR A 21 0.51 1.89 -4.40
C TYR A 21 -0.99 1.95 -4.80
N SER A 22 -1.51 0.87 -5.38
CA SER A 22 -2.92 0.75 -5.73
C SER A 22 -3.81 0.87 -4.49
N ALA A 23 -3.38 0.24 -3.38
CA ALA A 23 -4.02 0.38 -2.08
C ALA A 23 -4.02 1.83 -1.60
N LEU A 24 -2.94 2.60 -1.82
CA LEU A 24 -2.92 4.04 -1.52
C LEU A 24 -4.01 4.78 -2.29
N ARG A 25 -4.08 4.62 -3.62
CA ARG A 25 -5.13 5.26 -4.44
C ARG A 25 -6.52 4.92 -3.92
N ARG A 26 -6.77 3.64 -3.64
CA ARG A 26 -8.03 3.17 -3.10
C ARG A 26 -8.32 3.72 -1.72
N TYR A 27 -7.36 3.66 -0.80
CA TYR A 27 -7.44 4.20 0.57
C TYR A 27 -7.79 5.69 0.54
N ILE A 28 -7.18 6.48 -0.35
CA ILE A 28 -7.50 7.90 -0.47
C ILE A 28 -8.90 8.11 -1.07
N ASN A 29 -9.35 7.21 -1.96
CA ASN A 29 -10.70 7.19 -2.53
C ASN A 29 -11.76 6.83 -1.46
N MET A 30 -11.60 5.67 -0.79
CA MET A 30 -12.51 5.17 0.26
C MET A 30 -12.53 6.07 1.50
N LEU A 31 -11.43 6.74 1.86
CA LEU A 31 -11.42 7.77 2.90
C LEU A 31 -12.27 8.99 2.54
N THR A 32 -12.52 9.19 1.23
CA THR A 32 -13.32 10.28 0.68
C THR A 32 -14.63 9.72 0.09
N ARG A 33 -15.08 8.54 0.55
CA ARG A 33 -16.32 7.89 0.10
C ARG A 33 -17.54 8.82 0.22
N PRO A 34 -18.63 8.58 -0.55
CA PRO A 34 -19.87 9.33 -0.40
C PRO A 34 -20.66 8.86 0.84
N ARG A 35 -20.07 9.07 2.04
CA ARG A 35 -20.75 8.89 3.33
C ARG A 35 -21.61 10.10 3.72
N TYR A 36 -21.28 11.27 3.18
CA TYR A 36 -21.97 12.54 3.42
C TYR A 36 -23.01 12.83 2.33
N NH2 A 37 -23.88 13.82 2.53
HN1 NH2 A 37 -23.88 14.35 3.39
HN2 NH2 A 37 -24.54 13.97 1.79
N ALA A 1 11.54 14.60 4.31
CA ALA A 1 12.74 15.13 4.99
C ALA A 1 13.92 14.19 4.73
N PRO A 2 15.17 14.68 4.73
CA PRO A 2 16.36 13.85 4.55
C PRO A 2 16.63 13.04 5.82
N LEU A 3 16.33 11.75 5.74
CA LEU A 3 16.58 10.77 6.79
C LEU A 3 17.02 9.48 6.10
N GLU A 4 18.32 9.15 6.12
CA GLU A 4 18.90 7.96 5.51
C GLU A 4 18.04 6.72 5.78
N PRO A 5 17.22 6.26 4.80
CA PRO A 5 16.34 5.11 5.00
C PRO A 5 17.09 3.77 4.95
N VAL A 6 18.42 3.85 4.84
CA VAL A 6 19.40 2.76 4.74
C VAL A 6 18.90 1.72 3.71
N TYR A 7 19.17 0.43 3.93
CA TYR A 7 18.53 -0.68 3.22
C TYR A 7 18.65 -0.59 1.68
N PRO A 8 19.84 -0.92 1.12
CA PRO A 8 20.10 -0.79 -0.31
C PRO A 8 19.28 -1.80 -1.14
N GLY A 9 19.07 -1.49 -2.42
CA GLY A 9 18.25 -2.28 -3.34
C GLY A 9 16.78 -1.85 -3.31
N ASP A 10 16.49 -0.61 -3.76
CA ASP A 10 15.13 -0.13 -3.93
C ASP A 10 14.44 -0.89 -5.07
N ASN A 11 13.23 -1.40 -4.77
CA ASN A 11 12.30 -2.17 -5.63
C ASN A 11 11.34 -3.03 -4.80
N ALA A 12 11.75 -3.42 -3.59
CA ALA A 12 11.05 -4.37 -2.72
C ALA A 12 10.68 -5.67 -3.48
N THR A 13 9.78 -6.47 -2.90
CA THR A 13 9.20 -7.65 -3.55
C THR A 13 8.26 -7.26 -4.72
N PRO A 14 8.29 -8.00 -5.85
CA PRO A 14 7.39 -7.75 -6.98
C PRO A 14 5.95 -8.11 -6.62
N GLU A 15 4.97 -7.60 -7.38
CA GLU A 15 3.53 -7.71 -7.14
C GLU A 15 3.05 -7.10 -5.80
N GLN A 16 3.96 -6.66 -4.94
CA GLN A 16 3.66 -6.00 -3.68
C GLN A 16 3.77 -4.48 -3.79
N MET A 17 4.76 -3.96 -4.54
CA MET A 17 4.96 -2.52 -4.72
C MET A 17 3.85 -1.90 -5.55
N ALA A 18 3.45 -2.58 -6.63
CA ALA A 18 2.31 -2.16 -7.44
C ALA A 18 0.99 -2.24 -6.66
N ARG A 19 0.92 -3.14 -5.67
CA ARG A 19 -0.25 -3.31 -4.80
C ARG A 19 -0.31 -2.25 -3.71
N TYR A 20 0.80 -1.98 -3.02
CA TYR A 20 0.91 -0.94 -2.01
C TYR A 20 0.41 0.41 -2.53
N TYR A 21 0.88 0.80 -3.71
CA TYR A 21 0.47 2.04 -4.37
C TYR A 21 -1.01 2.04 -4.78
N SER A 22 -1.48 0.92 -5.37
CA SER A 22 -2.87 0.75 -5.79
C SER A 22 -3.83 0.79 -4.59
N ALA A 23 -3.45 0.15 -3.49
CA ALA A 23 -4.11 0.21 -2.20
C ALA A 23 -4.17 1.65 -1.70
N LEU A 24 -3.07 2.41 -1.77
CA LEU A 24 -3.08 3.84 -1.43
C LEU A 24 -4.14 4.60 -2.23
N ARG A 25 -4.23 4.39 -3.55
CA ARG A 25 -5.24 5.03 -4.40
C ARG A 25 -6.66 4.72 -3.92
N ARG A 26 -6.96 3.42 -3.74
CA ARG A 26 -8.27 2.96 -3.29
C ARG A 26 -8.60 3.46 -1.88
N TYR A 27 -7.61 3.42 -0.98
CA TYR A 27 -7.69 3.90 0.40
C TYR A 27 -7.98 5.39 0.47
N ILE A 28 -7.20 6.23 -0.23
CA ILE A 28 -7.44 7.67 -0.35
C ILE A 28 -8.86 7.90 -0.87
N ASN A 29 -9.24 7.26 -1.99
CA ASN A 29 -10.60 7.38 -2.52
C ASN A 29 -11.66 7.04 -1.45
N MET A 30 -11.49 5.90 -0.75
CA MET A 30 -12.38 5.44 0.32
C MET A 30 -12.43 6.42 1.50
N LEU A 31 -11.30 7.00 1.90
CA LEU A 31 -11.18 8.03 2.93
C LEU A 31 -11.86 9.34 2.52
N THR A 32 -11.82 9.67 1.23
CA THR A 32 -12.51 10.84 0.67
C THR A 32 -14.01 10.61 0.48
N ARG A 33 -14.42 9.34 0.33
CA ARG A 33 -15.75 8.82 -0.02
C ARG A 33 -16.21 9.32 -1.40
N PRO A 34 -16.93 8.52 -2.21
CA PRO A 34 -17.61 9.00 -3.42
C PRO A 34 -18.86 9.83 -3.06
N ARG A 35 -18.70 10.88 -2.24
CA ARG A 35 -19.73 11.86 -1.90
C ARG A 35 -20.11 12.73 -3.11
N TYR A 36 -19.21 12.85 -4.08
CA TYR A 36 -19.38 13.64 -5.29
C TYR A 36 -18.58 13.05 -6.46
N NH2 A 37 -18.83 13.48 -7.68
HN1 NH2 A 37 -19.54 14.16 -7.87
HN2 NH2 A 37 -18.17 13.16 -8.38
#